data_8UQ6
#
_entry.id   8UQ6
#
_cell.length_a   1.00
_cell.length_b   1.00
_cell.length_c   1.00
_cell.angle_alpha   90.00
_cell.angle_beta   90.00
_cell.angle_gamma   90.00
#
_symmetry.space_group_name_H-M   'P 1'
#
_entity_poly.entity_id   1
_entity_poly.type   'polypeptide(L)'
_entity_poly.pdbx_seq_one_letter_code
;EPLDDYVNTQGASLFSVTKKQLGAGSIEECAAKCEEDEEFTCRAFQYHSKEQQCVIMAENRKSSIIIRMRDVVLFEKKVY
LSECKTGNGKNYRGTMSKTKNGITCQKWSSTSPHRPRFSPATHPSEGLEENYCRNPDNDPQGPWCYTTDPEKRYDYCDIL
ECEEECMHCSGENYDGKISKTMSGLECQAWDSQSPHAHGYIPSKFPNKNLKKNYCRNPDRELRPWCFTTDPNKRWELCDI
PRCTTPPPSSGPTYQCLKGTGENYRGNVAVTVSGHTCQHWSAQTPHTHNRTPENFPCKNLDENYCRNPDGKRAPWCHTTN
SQVRWEYCKIPSCDSSPVSTEQLAPTAPPELTPVVQDCYHGDGQSYRGTSSTTTTGKKCQSWSSMTPHRHQKTPENYPNA
GLTMNYCRNPDADKGPWCFTTDPSVRWEYCNLKKCSGTEASVVAPPPVVLLPDVETPSEEDCMFGNGKGYRGKRATTVTG
TPCQDWAAQEPHRHSIFTPETNPRAGLEKNYCRNPDGDVGGPWCYTTNPRKLYDYCDVPQCAAPSFDCGKPQVEPKKCPG
RVVGGCVAHPHSWPWQVSLRTRFGMHFCGGTLISPEWVLTAAHCLEKSPRPSSYKVILGAHQEVNLEPHVQEIEVSRLFL
EPTRKDIALLKLSSPAVITDKVIPACLPSPNYVVADRTECFITGWGETQGTFGAGLLKEAQLPVIENKVCNRYEFLNGRV
QSTELCAGHLAGGTDSCQGDSGGPLVCFEKDKYILQGVTSWGLGCARPNKPGVYVRVSRFVTWIEGVMRNN
;
_entity_poly.pdbx_strand_id   A
#
# COMPACT_ATOMS: atom_id res chain seq x y z
N GLU A 1 -3.91 -14.00 23.32
CA GLU A 1 -4.16 -14.30 21.89
C GLU A 1 -2.83 -14.39 21.13
N PRO A 2 -2.67 -15.27 20.11
CA PRO A 2 -1.38 -15.53 19.44
C PRO A 2 -0.86 -14.41 18.52
N LEU A 3 -1.55 -13.28 18.43
CA LEU A 3 -1.27 -12.20 17.46
C LEU A 3 -0.75 -10.87 18.08
N ASP A 4 -0.91 -10.63 19.39
CA ASP A 4 -0.91 -9.27 19.99
C ASP A 4 0.47 -8.72 20.43
N ASP A 5 1.56 -9.09 19.76
CA ASP A 5 2.90 -8.47 19.92
C ASP A 5 3.59 -8.16 18.57
N TYR A 6 2.84 -8.10 17.46
CA TYR A 6 3.36 -7.78 16.11
C TYR A 6 2.96 -6.37 15.66
N VAL A 7 3.91 -5.47 15.41
CA VAL A 7 3.75 -4.20 14.68
C VAL A 7 5.08 -3.87 13.95
N ASN A 8 5.06 -3.82 12.62
CA ASN A 8 6.27 -3.63 11.79
C ASN A 8 5.99 -2.79 10.53
N THR A 9 6.97 -1.98 10.10
CA THR A 9 7.05 -1.39 8.75
C THR A 9 8.19 -2.09 8.02
N GLN A 10 7.89 -2.63 6.85
CA GLN A 10 8.60 -3.81 6.34
C GLN A 10 9.58 -3.52 5.18
N GLY A 11 10.40 -4.52 4.84
CA GLY A 11 11.54 -4.41 3.94
C GLY A 11 12.87 -4.19 4.67
N ALA A 12 13.40 -5.23 5.33
CA ALA A 12 14.77 -5.27 5.92
C ALA A 12 15.22 -6.69 6.34
N SER A 13 16.54 -6.90 6.45
CA SER A 13 17.26 -8.02 7.10
C SER A 13 18.69 -7.54 7.42
N LEU A 14 19.61 -8.37 7.92
CA LEU A 14 20.97 -7.92 8.32
C LEU A 14 22.12 -8.91 8.01
N PHE A 15 23.34 -8.39 7.85
CA PHE A 15 24.61 -9.14 7.79
C PHE A 15 25.04 -9.62 9.19
N SER A 16 24.18 -10.40 9.85
CA SER A 16 24.24 -10.67 11.29
C SER A 16 25.48 -11.46 11.74
N VAL A 17 25.70 -11.52 13.06
CA VAL A 17 26.81 -12.24 13.72
C VAL A 17 26.69 -13.76 13.58
N THR A 18 25.50 -14.32 13.83
CA THR A 18 25.16 -15.75 13.77
C THR A 18 23.70 -15.90 13.27
N LYS A 19 23.37 -16.98 12.56
CA LYS A 19 22.08 -17.13 11.83
C LYS A 19 21.53 -18.55 11.89
N LYS A 20 20.21 -18.69 11.73
CA LYS A 20 19.48 -19.95 11.88
C LYS A 20 18.30 -20.03 10.90
N GLN A 21 17.90 -21.24 10.51
CA GLN A 21 17.04 -21.51 9.36
C GLN A 21 16.17 -22.77 9.57
N LEU A 22 14.86 -22.67 9.32
CA LEU A 22 13.82 -23.66 9.60
C LEU A 22 12.72 -23.59 8.50
N GLY A 23 11.51 -24.06 8.79
CA GLY A 23 10.35 -23.87 7.91
C GLY A 23 9.01 -23.98 8.62
N ALA A 24 8.00 -23.30 8.05
CA ALA A 24 6.60 -23.28 8.50
C ALA A 24 5.69 -22.73 7.38
N GLY A 25 4.37 -22.86 7.47
CA GLY A 25 3.45 -22.44 6.40
C GLY A 25 2.20 -21.69 6.86
N SER A 26 2.02 -21.51 8.17
CA SER A 26 0.85 -20.87 8.77
C SER A 26 1.21 -20.00 9.98
N ILE A 27 0.31 -19.11 10.42
CA ILE A 27 0.61 -18.10 11.45
C ILE A 27 0.42 -18.60 12.91
N GLU A 28 -0.51 -19.53 13.18
CA GLU A 28 -0.69 -20.08 14.54
C GLU A 28 0.38 -21.13 14.88
N GLU A 29 0.86 -21.84 13.87
CA GLU A 29 1.97 -22.82 13.92
C GLU A 29 3.25 -22.23 14.53
N CYS A 30 3.43 -20.92 14.41
CA CYS A 30 4.45 -20.13 15.10
C CYS A 30 4.46 -20.45 16.60
N ALA A 31 3.27 -20.50 17.23
CA ALA A 31 3.05 -20.80 18.64
C ALA A 31 3.36 -22.27 19.03
N ALA A 32 3.85 -23.08 18.09
CA ALA A 32 4.38 -24.43 18.36
C ALA A 32 5.71 -24.73 17.62
N LYS A 33 6.33 -23.75 16.93
CA LYS A 33 7.61 -23.95 16.20
C LYS A 33 8.70 -22.90 16.46
N CYS A 34 8.37 -21.64 16.79
CA CYS A 34 9.36 -20.58 17.02
C CYS A 34 9.77 -20.38 18.50
N GLU A 35 8.82 -20.16 19.40
CA GLU A 35 9.10 -19.88 20.82
C GLU A 35 9.62 -21.09 21.61
N GLU A 36 9.54 -22.30 21.07
CA GLU A 36 9.81 -23.54 21.83
C GLU A 36 11.32 -23.79 22.12
N ASP A 37 12.24 -23.17 21.40
CA ASP A 37 13.68 -23.27 21.67
C ASP A 37 14.18 -22.24 22.69
N GLU A 38 15.17 -22.59 23.50
CA GLU A 38 15.83 -21.69 24.47
C GLU A 38 16.87 -20.74 23.86
N GLU A 39 17.23 -20.92 22.59
CA GLU A 39 18.48 -20.40 22.02
C GLU A 39 18.59 -18.86 22.05
N PHE A 40 17.47 -18.17 21.78
CA PHE A 40 17.15 -16.80 22.24
C PHE A 40 15.63 -16.54 22.17
N THR A 41 15.14 -15.50 22.85
CA THR A 41 13.89 -14.86 22.40
C THR A 41 14.27 -13.95 21.24
N CYS A 42 13.86 -14.30 20.02
CA CYS A 42 14.42 -13.79 18.78
C CYS A 42 14.38 -12.25 18.67
N ARG A 43 15.54 -11.57 18.84
CA ARG A 43 15.61 -10.10 18.77
C ARG A 43 15.42 -9.54 17.36
N ALA A 44 15.46 -10.44 16.38
CA ALA A 44 14.94 -10.26 15.03
C ALA A 44 14.49 -11.65 14.52
N PHE A 45 13.52 -11.71 13.61
CA PHE A 45 13.10 -12.95 12.94
C PHE A 45 12.73 -12.68 11.48
N GLN A 46 12.83 -13.68 10.59
CA GLN A 46 12.98 -13.51 9.13
C GLN A 46 12.30 -14.66 8.33
N TYR A 47 10.99 -14.80 8.49
CA TYR A 47 10.11 -15.81 7.88
C TYR A 47 9.71 -15.45 6.42
N HIS A 48 10.48 -15.85 5.39
CA HIS A 48 10.21 -15.56 3.96
C HIS A 48 8.92 -16.25 3.44
N SER A 49 7.74 -15.67 3.68
CA SER A 49 6.48 -16.42 3.81
C SER A 49 5.96 -17.22 2.60
N LYS A 50 6.30 -16.88 1.35
CA LYS A 50 5.60 -17.44 0.17
C LYS A 50 5.95 -18.92 -0.13
N GLU A 51 7.10 -19.43 0.30
CA GLU A 51 7.59 -20.78 -0.04
C GLU A 51 8.03 -21.62 1.18
N GLN A 52 7.46 -21.36 2.36
CA GLN A 52 7.70 -22.08 3.62
C GLN A 52 9.14 -22.09 4.19
N GLN A 53 10.17 -21.60 3.48
CA GLN A 53 11.51 -21.37 4.05
C GLN A 53 11.46 -20.25 5.10
N CYS A 54 12.05 -20.47 6.27
CA CYS A 54 12.03 -19.53 7.40
C CYS A 54 13.46 -19.31 7.96
N VAL A 55 13.80 -18.09 8.39
CA VAL A 55 15.13 -17.70 8.91
C VAL A 55 15.00 -16.83 10.16
N ILE A 56 16.02 -16.85 11.01
CA ILE A 56 16.20 -15.96 12.16
C ILE A 56 17.69 -15.57 12.33
N MET A 57 17.94 -14.35 12.85
CA MET A 57 19.27 -13.71 13.01
C MET A 57 19.58 -13.45 14.50
N ALA A 58 20.68 -14.01 15.01
CA ALA A 58 21.02 -13.95 16.43
C ALA A 58 21.26 -12.52 16.96
N GLU A 59 21.59 -11.58 16.06
CA GLU A 59 21.80 -10.16 16.34
C GLU A 59 21.12 -9.30 15.25
N ASN A 60 20.84 -8.02 15.55
CA ASN A 60 19.93 -7.16 14.77
C ASN A 60 20.49 -5.73 14.58
N ARG A 61 19.66 -4.76 14.19
CA ARG A 61 20.10 -3.37 13.97
C ARG A 61 20.71 -2.69 15.19
N LYS A 62 20.45 -3.25 16.38
CA LYS A 62 21.00 -2.80 17.67
C LYS A 62 22.46 -3.23 17.87
N SER A 63 23.02 -3.99 16.92
CA SER A 63 24.34 -4.64 17.03
C SER A 63 25.03 -4.98 15.69
N SER A 64 24.38 -4.79 14.52
CA SER A 64 24.89 -5.19 13.20
C SER A 64 24.24 -4.42 12.03
N ILE A 65 24.85 -4.48 10.84
CA ILE A 65 24.50 -3.67 9.65
C ILE A 65 23.42 -4.32 8.75
N ILE A 66 22.60 -3.50 8.08
CA ILE A 66 21.32 -3.85 7.44
C ILE A 66 21.42 -4.22 5.94
N ILE A 67 20.38 -4.90 5.44
CA ILE A 67 20.06 -5.33 4.07
C ILE A 67 18.54 -5.06 3.86
N ARG A 68 18.04 -4.98 2.63
CA ARG A 68 16.59 -4.85 2.33
C ARG A 68 16.22 -5.55 1.02
N MET A 69 15.00 -6.09 0.94
CA MET A 69 14.27 -6.47 -0.31
C MET A 69 12.75 -6.38 -0.10
N ARG A 70 11.94 -6.32 -1.17
CA ARG A 70 10.51 -6.75 -1.10
C ARG A 70 10.40 -8.11 -0.42
N ASP A 71 9.33 -8.28 0.36
CA ASP A 71 9.01 -9.52 1.09
C ASP A 71 10.09 -9.98 2.11
N VAL A 72 11.13 -9.18 2.38
CA VAL A 72 12.18 -9.45 3.36
C VAL A 72 11.90 -8.59 4.57
N VAL A 73 11.79 -9.22 5.74
CA VAL A 73 11.07 -8.66 6.86
C VAL A 73 11.78 -8.99 8.16
N LEU A 74 12.49 -7.98 8.66
CA LEU A 74 13.06 -7.83 10.00
C LEU A 74 11.92 -7.73 11.03
N PHE A 75 11.26 -8.86 11.31
CA PHE A 75 10.18 -8.92 12.29
C PHE A 75 10.77 -8.70 13.69
N GLU A 76 10.20 -7.73 14.42
CA GLU A 76 10.70 -7.24 15.71
C GLU A 76 9.57 -7.24 16.74
N LYS A 77 9.43 -8.36 17.47
CA LYS A 77 8.40 -8.57 18.53
C LYS A 77 8.34 -7.39 19.49
N LYS A 78 7.14 -6.95 19.86
CA LYS A 78 6.95 -5.72 20.64
C LYS A 78 7.71 -5.69 21.98
N VAL A 79 8.13 -6.85 22.53
CA VAL A 79 9.08 -6.91 23.67
C VAL A 79 10.32 -6.05 23.41
N TYR A 80 11.09 -6.28 22.33
CA TYR A 80 12.27 -5.47 21.94
C TYR A 80 11.97 -4.02 21.53
N LEU A 81 10.68 -3.68 21.45
CA LEU A 81 10.17 -2.33 21.19
C LEU A 81 9.50 -1.74 22.44
N SER A 82 9.51 -2.45 23.57
CA SER A 82 8.84 -2.07 24.82
C SER A 82 9.59 -0.95 25.51
N GLU A 83 9.37 0.29 25.05
CA GLU A 83 9.83 1.53 25.68
C GLU A 83 9.15 1.83 27.05
N CYS A 84 8.62 0.81 27.73
CA CYS A 84 7.85 0.94 28.94
C CYS A 84 7.90 -0.30 29.84
N LYS A 85 7.43 -0.07 31.07
CA LYS A 85 6.94 -1.01 32.08
C LYS A 85 5.77 -0.37 32.81
N THR A 86 5.00 -1.16 33.54
CA THR A 86 4.16 -0.67 34.63
C THR A 86 4.24 -1.64 35.80
N GLY A 87 4.14 -1.17 37.04
CA GLY A 87 4.35 -1.99 38.24
C GLY A 87 5.81 -2.41 38.44
N ASN A 88 6.07 -3.64 38.91
CA ASN A 88 7.40 -4.14 39.31
C ASN A 88 8.34 -4.64 38.19
N GLY A 89 8.05 -4.34 36.92
CA GLY A 89 8.81 -4.77 35.73
C GLY A 89 8.25 -6.04 35.07
N LYS A 90 8.23 -6.11 33.72
CA LYS A 90 7.54 -7.20 33.00
C LYS A 90 8.02 -7.49 31.57
N ASN A 91 8.28 -6.48 30.74
CA ASN A 91 8.75 -6.64 29.34
C ASN A 91 9.71 -5.52 28.84
N TYR A 92 10.25 -4.66 29.72
CA TYR A 92 10.97 -3.46 29.30
C TYR A 92 12.22 -3.77 28.45
N ARG A 93 12.28 -3.13 27.28
CA ARG A 93 13.42 -3.11 26.36
C ARG A 93 13.61 -1.69 25.81
N GLY A 94 13.84 -0.73 26.69
CA GLY A 94 14.13 0.65 26.30
C GLY A 94 15.42 0.78 25.50
N THR A 95 15.63 1.96 24.93
CA THR A 95 16.79 2.29 24.09
C THR A 95 17.12 3.80 24.16
N MET A 96 16.85 4.45 25.31
CA MET A 96 16.51 5.87 25.34
C MET A 96 17.54 6.77 24.65
N SER A 97 17.03 7.69 23.82
CA SER A 97 17.83 8.47 22.88
C SER A 97 18.63 9.59 23.52
N LYS A 98 17.97 10.47 24.28
CA LYS A 98 18.54 11.71 24.82
C LYS A 98 17.73 12.21 26.04
N THR A 99 18.37 12.28 27.20
CA THR A 99 17.78 12.73 28.49
C THR A 99 17.93 14.25 28.70
N LYS A 100 17.27 14.81 29.73
CA LYS A 100 17.41 16.22 30.20
C LYS A 100 18.87 16.66 30.38
N ASN A 101 19.69 15.73 30.85
CA ASN A 101 21.09 15.86 31.21
C ASN A 101 22.05 15.14 30.22
N GLY A 102 21.60 14.84 29.01
CA GLY A 102 22.49 14.49 27.89
C GLY A 102 23.09 13.08 27.88
N ILE A 103 22.46 12.09 28.53
CA ILE A 103 22.86 10.68 28.36
C ILE A 103 22.50 10.20 26.95
N THR A 104 23.38 9.43 26.32
CA THR A 104 23.07 8.58 25.16
C THR A 104 23.98 7.34 25.17
N CYS A 105 24.16 6.65 24.04
CA CYS A 105 24.74 5.29 23.95
C CYS A 105 26.08 5.04 24.69
N GLN A 106 26.01 4.46 25.89
CA GLN A 106 27.12 3.79 26.60
C GLN A 106 26.60 2.60 27.42
N LYS A 107 27.47 1.60 27.67
CA LYS A 107 27.03 0.21 27.88
C LYS A 107 26.94 -0.37 29.30
N TRP A 108 26.04 -1.35 29.51
CA TRP A 108 25.93 -2.25 30.68
C TRP A 108 27.27 -2.86 31.06
N SER A 109 27.95 -3.46 30.08
CA SER A 109 29.23 -4.17 30.27
C SER A 109 30.44 -3.23 30.43
N SER A 110 30.25 -1.91 30.38
CA SER A 110 31.26 -0.99 30.87
C SER A 110 31.35 -1.14 32.40
N THR A 111 32.55 -1.36 32.93
CA THR A 111 32.75 -1.49 34.37
C THR A 111 32.55 -0.15 35.10
N SER A 112 32.77 0.99 34.43
CA SER A 112 32.25 2.31 34.84
C SER A 112 30.78 2.43 34.41
N PRO A 113 29.84 2.96 35.23
CA PRO A 113 30.10 3.76 36.43
C PRO A 113 30.56 2.98 37.66
N HIS A 114 30.00 1.80 37.89
CA HIS A 114 30.23 0.98 39.08
C HIS A 114 30.22 -0.51 38.73
N ARG A 115 30.83 -1.32 39.61
CA ARG A 115 31.21 -2.73 39.40
C ARG A 115 30.15 -3.50 38.60
N PRO A 116 30.53 -4.15 37.48
CA PRO A 116 29.62 -4.45 36.38
C PRO A 116 28.40 -5.28 36.80
N ARG A 117 27.21 -4.66 36.74
CA ARG A 117 25.95 -5.30 37.16
C ARG A 117 25.47 -6.33 36.14
N PHE A 118 25.65 -6.04 34.84
CA PHE A 118 25.26 -6.91 33.72
C PHE A 118 26.16 -6.75 32.49
N SER A 119 26.15 -7.78 31.62
CA SER A 119 26.70 -7.80 30.26
C SER A 119 25.87 -8.78 29.40
N PRO A 120 25.96 -8.77 28.05
CA PRO A 120 25.00 -9.45 27.19
C PRO A 120 24.75 -10.93 27.51
N ALA A 121 25.77 -11.66 27.98
CA ALA A 121 25.65 -13.09 28.31
C ALA A 121 25.16 -13.39 29.75
N THR A 122 25.03 -12.40 30.64
CA THR A 122 24.75 -12.64 32.08
C THR A 122 23.35 -13.19 32.41
N HIS A 123 22.41 -13.16 31.47
CA HIS A 123 21.22 -14.04 31.43
C HIS A 123 20.98 -14.49 29.97
N PRO A 124 20.47 -15.70 29.72
CA PRO A 124 20.31 -16.22 28.35
C PRO A 124 19.15 -15.61 27.53
N SER A 125 18.16 -14.93 28.15
CA SER A 125 16.95 -14.47 27.44
C SER A 125 16.30 -13.17 27.97
N GLU A 126 17.08 -12.22 28.50
CA GLU A 126 16.60 -10.87 28.89
C GLU A 126 17.33 -9.72 28.17
N GLY A 127 18.29 -10.03 27.30
CA GLY A 127 18.82 -9.08 26.33
C GLY A 127 19.58 -7.91 26.94
N LEU A 128 20.62 -8.19 27.72
CA LEU A 128 21.46 -7.17 28.38
C LEU A 128 22.45 -6.50 27.40
N GLU A 129 21.92 -6.01 26.28
CA GLU A 129 22.62 -5.48 25.11
C GLU A 129 23.20 -4.09 25.34
N GLU A 130 24.49 -3.91 25.09
CA GLU A 130 25.15 -2.61 24.94
C GLU A 130 24.61 -1.54 25.91
N ASN A 131 23.97 -0.45 25.48
CA ASN A 131 23.38 0.56 26.39
C ASN A 131 21.93 0.28 26.82
N TYR A 132 21.26 -0.65 26.13
CA TYR A 132 19.82 -0.63 25.95
C TYR A 132 19.04 -1.09 27.21
N CYS A 133 18.04 -0.30 27.63
CA CYS A 133 17.38 -0.31 28.94
C CYS A 133 16.52 -1.54 29.25
N ARG A 134 16.61 -2.10 30.46
CA ARG A 134 15.96 -3.37 30.88
C ARG A 134 15.48 -3.32 32.34
N ASN A 135 14.64 -4.28 32.76
CA ASN A 135 14.25 -4.51 34.17
C ASN A 135 14.83 -5.83 34.77
N PRO A 136 16.17 -6.04 34.81
CA PRO A 136 16.74 -7.38 34.96
C PRO A 136 16.80 -7.92 36.40
N ASP A 137 17.25 -7.14 37.38
CA ASP A 137 17.72 -7.62 38.70
C ASP A 137 16.62 -7.87 39.74
N ASN A 138 15.36 -7.94 39.30
CA ASN A 138 14.14 -7.78 40.11
C ASN A 138 14.02 -6.40 40.82
N ASP A 139 14.85 -5.43 40.42
CA ASP A 139 14.88 -4.02 40.82
C ASP A 139 13.65 -3.27 40.23
N PRO A 140 12.58 -2.99 40.99
CA PRO A 140 11.25 -2.68 40.43
C PRO A 140 11.10 -1.33 39.70
N GLN A 141 12.09 -0.45 39.81
CA GLN A 141 12.03 0.95 39.35
C GLN A 141 11.72 1.09 37.85
N GLY A 142 12.20 0.16 37.01
CA GLY A 142 11.89 0.16 35.57
C GLY A 142 12.76 1.11 34.76
N PRO A 143 12.27 2.25 34.24
CA PRO A 143 13.08 3.10 33.38
C PRO A 143 14.17 3.85 34.16
N TRP A 144 15.42 3.49 33.87
CA TRP A 144 16.66 4.15 34.28
C TRP A 144 17.77 3.68 33.33
N CYS A 145 18.91 4.38 33.28
CA CYS A 145 20.07 4.04 32.47
C CYS A 145 21.38 4.15 33.28
N TYR A 146 22.39 3.31 32.99
CA TYR A 146 23.75 3.51 33.51
C TYR A 146 24.54 4.49 32.61
N THR A 147 25.42 5.29 33.23
CA THR A 147 25.84 6.58 32.68
C THR A 147 27.29 6.92 33.00
N THR A 148 27.82 7.95 32.34
CA THR A 148 29.10 8.58 32.69
C THR A 148 29.01 9.46 33.96
N ASP A 149 27.83 9.86 34.42
CA ASP A 149 27.61 10.75 35.58
C ASP A 149 26.85 10.08 36.76
N PRO A 150 27.49 9.84 37.92
CA PRO A 150 26.87 9.12 39.06
C PRO A 150 25.67 9.75 39.78
N GLU A 151 25.32 11.02 39.53
CA GLU A 151 24.61 11.90 40.49
C GLU A 151 23.33 11.31 41.11
N LYS A 152 22.40 10.86 40.27
CA LYS A 152 21.15 10.16 40.62
C LYS A 152 20.57 9.41 39.42
N ARG A 153 19.59 8.52 39.63
CA ARG A 153 19.09 7.55 38.62
C ARG A 153 17.56 7.48 38.51
N TYR A 154 16.89 7.06 39.56
CA TYR A 154 15.44 6.84 39.61
C TYR A 154 14.65 8.14 39.88
N ASP A 155 14.12 8.78 38.84
CA ASP A 155 13.12 9.85 38.98
C ASP A 155 12.23 10.01 37.72
N TYR A 156 11.05 10.58 37.89
CA TYR A 156 9.93 10.55 36.93
C TYR A 156 10.00 11.57 35.76
N CYS A 157 11.18 11.75 35.16
CA CYS A 157 11.36 12.43 33.87
C CYS A 157 11.45 11.41 32.71
N ASP A 158 12.56 10.69 32.53
CA ASP A 158 12.72 9.66 31.49
C ASP A 158 11.97 8.33 31.81
N ILE A 159 11.27 8.23 32.94
CA ILE A 159 10.21 7.22 33.16
C ILE A 159 8.98 7.62 32.34
N LEU A 160 8.91 7.15 31.10
CA LEU A 160 7.72 7.35 30.27
C LEU A 160 6.51 6.65 30.92
N GLU A 161 5.30 7.13 30.63
CA GLU A 161 4.05 6.68 31.23
C GLU A 161 2.93 6.67 30.17
N CYS A 162 2.91 5.61 29.35
CA CYS A 162 1.97 5.43 28.24
C CYS A 162 0.52 5.20 28.72
N GLU A 163 -0.26 6.27 28.93
CA GLU A 163 -1.74 6.22 28.92
C GLU A 163 -2.21 6.00 27.47
N GLU A 164 -2.42 4.75 27.07
CA GLU A 164 -2.36 4.34 25.65
C GLU A 164 -3.54 4.79 24.75
N GLU A 165 -4.56 5.47 25.29
CA GLU A 165 -5.74 5.86 24.51
C GLU A 165 -5.56 7.10 23.61
N CYS A 166 -4.46 7.85 23.74
CA CYS A 166 -4.13 8.99 22.87
C CYS A 166 -2.61 9.31 22.85
N MET A 167 -2.25 10.52 22.41
CA MET A 167 -0.91 10.92 21.97
C MET A 167 0.21 10.89 23.05
N HIS A 168 1.36 10.31 22.67
CA HIS A 168 2.67 10.38 23.35
C HIS A 168 3.81 10.32 22.33
N CYS A 169 4.94 10.96 22.61
CA CYS A 169 6.07 11.17 21.67
C CYS A 169 5.56 11.57 20.26
N SER A 170 5.82 10.74 19.24
CA SER A 170 5.41 11.01 17.84
C SER A 170 3.90 10.87 17.59
N GLY A 171 3.14 10.32 18.53
CA GLY A 171 1.71 10.03 18.36
C GLY A 171 1.39 8.82 17.49
N GLU A 172 2.38 7.97 17.20
CA GLU A 172 2.19 6.71 16.46
C GLU A 172 1.61 5.59 17.34
N ASN A 173 1.78 5.64 18.66
CA ASN A 173 1.35 4.63 19.64
C ASN A 173 -0.18 4.59 19.88
N TYR A 174 -0.98 4.61 18.81
CA TYR A 174 -2.45 4.68 18.85
C TYR A 174 -3.15 3.30 18.97
N ASP A 175 -2.48 2.27 19.50
CA ASP A 175 -3.00 0.90 19.67
C ASP A 175 -3.96 0.73 20.86
N GLY A 176 -4.86 1.69 21.04
CA GLY A 176 -5.88 1.71 22.08
C GLY A 176 -6.85 0.52 22.07
N LYS A 177 -7.57 0.37 23.17
CA LYS A 177 -8.49 -0.74 23.49
C LYS A 177 -9.96 -0.32 23.58
N ILE A 178 -10.26 0.96 23.81
CA ILE A 178 -11.63 1.49 23.99
C ILE A 178 -12.36 1.66 22.63
N SER A 179 -13.69 1.61 22.64
CA SER A 179 -14.58 2.05 21.55
C SER A 179 -15.98 2.45 22.08
N LYS A 180 -16.25 3.76 22.10
CA LYS A 180 -17.48 4.43 22.57
C LYS A 180 -17.49 5.88 22.08
N THR A 181 -18.63 6.56 22.08
CA THR A 181 -18.78 7.84 21.36
C THR A 181 -19.46 8.94 22.14
N MET A 182 -19.30 10.18 21.67
CA MET A 182 -19.85 11.37 22.31
C MET A 182 -21.38 11.28 22.46
N SER A 183 -22.05 10.74 21.44
CA SER A 183 -23.50 10.53 21.43
C SER A 183 -24.02 9.46 22.41
N GLY A 184 -23.15 8.55 22.86
CA GLY A 184 -23.56 7.35 23.56
C GLY A 184 -24.11 6.23 22.65
N LEU A 185 -24.07 6.36 21.32
CA LEU A 185 -24.36 5.26 20.38
C LEU A 185 -23.18 4.26 20.30
N GLU A 186 -23.20 3.33 19.33
CA GLU A 186 -22.23 2.24 19.16
C GLU A 186 -21.85 2.02 17.68
N CYS A 187 -20.76 1.29 17.40
CA CYS A 187 -20.03 1.37 16.13
C CYS A 187 -19.94 0.05 15.33
N GLN A 188 -20.02 0.19 14.02
CA GLN A 188 -20.27 -0.87 13.05
C GLN A 188 -19.21 -1.99 13.08
N ALA A 189 -19.63 -3.24 12.91
CA ALA A 189 -18.72 -4.34 12.64
C ALA A 189 -17.97 -4.19 11.31
N TRP A 190 -16.79 -4.80 11.22
CA TRP A 190 -16.00 -5.00 10.00
C TRP A 190 -15.78 -6.51 9.75
N ASP A 191 -16.75 -7.34 10.11
CA ASP A 191 -16.53 -8.72 10.52
C ASP A 191 -17.56 -9.74 9.96
N SER A 192 -18.30 -9.38 8.91
CA SER A 192 -19.33 -10.22 8.30
C SER A 192 -19.69 -9.70 6.87
N GLN A 193 -20.88 -10.03 6.36
CA GLN A 193 -21.47 -9.37 5.19
C GLN A 193 -22.78 -8.61 5.55
N SER A 194 -23.05 -8.41 6.84
CA SER A 194 -24.13 -7.61 7.40
C SER A 194 -23.69 -6.99 8.75
N PRO A 195 -24.15 -5.79 9.16
CA PRO A 195 -25.13 -4.92 8.49
C PRO A 195 -24.67 -4.34 7.15
N HIS A 196 -23.36 -4.35 6.86
CA HIS A 196 -22.76 -3.74 5.66
C HIS A 196 -21.76 -4.72 5.00
N ALA A 197 -21.72 -4.79 3.67
CA ALA A 197 -21.15 -5.94 2.92
C ALA A 197 -19.62 -5.97 2.81
N HIS A 198 -18.88 -5.73 3.89
CA HIS A 198 -17.43 -5.50 3.88
C HIS A 198 -16.74 -5.80 5.22
N GLY A 199 -15.41 -5.94 5.25
CA GLY A 199 -14.67 -6.18 6.48
C GLY A 199 -13.18 -5.80 6.43
N TYR A 200 -12.55 -5.67 7.61
CA TYR A 200 -11.17 -5.17 7.83
C TYR A 200 -10.29 -6.17 8.59
N ILE A 201 -10.59 -7.47 8.44
CA ILE A 201 -9.85 -8.63 8.97
C ILE A 201 -8.34 -8.53 8.60
N PRO A 202 -7.40 -9.10 9.35
CA PRO A 202 -6.00 -8.64 9.32
C PRO A 202 -5.22 -8.74 8.01
N SER A 203 -5.63 -9.51 7.00
CA SER A 203 -4.94 -9.63 5.70
C SER A 203 -5.13 -8.42 4.75
N LYS A 204 -4.86 -7.20 5.23
CA LYS A 204 -4.77 -5.94 4.46
C LYS A 204 -3.68 -5.03 5.06
N PHE A 205 -3.19 -4.01 4.35
CA PHE A 205 -1.97 -3.24 4.68
C PHE A 205 -1.85 -2.89 6.19
N PRO A 206 -0.77 -3.30 6.89
CA PRO A 206 -0.83 -3.53 8.34
C PRO A 206 -0.82 -2.28 9.22
N ASN A 207 -0.19 -1.18 8.79
CA ASN A 207 -0.01 0.05 9.58
C ASN A 207 -1.33 0.74 10.03
N LYS A 208 -2.48 0.33 9.47
CA LYS A 208 -3.82 0.76 9.92
C LYS A 208 -4.25 0.19 11.28
N ASN A 209 -3.75 -0.98 11.70
CA ASN A 209 -4.12 -1.65 12.97
C ASN A 209 -5.64 -1.70 13.26
N LEU A 210 -6.48 -1.92 12.25
CA LEU A 210 -7.95 -1.84 12.33
C LEU A 210 -8.63 -3.02 13.05
N LYS A 211 -8.13 -3.44 14.21
CA LYS A 211 -8.70 -4.55 15.02
C LYS A 211 -10.13 -4.22 15.47
N LYS A 212 -11.10 -4.89 14.87
CA LYS A 212 -12.53 -4.96 15.23
C LYS A 212 -13.24 -3.60 15.22
N ASN A 213 -13.08 -2.75 16.24
CA ASN A 213 -13.59 -1.35 16.24
C ASN A 213 -12.88 -0.40 17.24
N TYR A 214 -11.71 -0.76 17.81
CA TYR A 214 -11.01 0.11 18.79
C TYR A 214 -10.46 1.40 18.13
N CYS A 215 -10.22 2.46 18.91
CA CYS A 215 -9.81 3.77 18.42
C CYS A 215 -8.53 3.79 17.55
N ARG A 216 -8.67 4.02 16.24
CA ARG A 216 -7.58 4.36 15.31
C ARG A 216 -7.71 5.81 14.82
N ASN A 217 -6.67 6.61 15.02
CA ASN A 217 -6.65 8.05 14.72
C ASN A 217 -5.38 8.45 13.89
N PRO A 218 -5.15 7.83 12.72
CA PRO A 218 -3.85 7.87 12.03
C PRO A 218 -3.40 9.28 11.61
N ASP A 219 -4.33 10.15 11.20
CA ASP A 219 -4.03 11.53 10.78
C ASP A 219 -4.15 12.56 11.94
N ARG A 220 -4.32 12.11 13.19
CA ARG A 220 -4.46 12.88 14.44
C ARG A 220 -5.55 13.98 14.41
N GLU A 221 -6.81 13.58 14.50
CA GLU A 221 -7.93 14.47 14.80
C GLU A 221 -7.85 15.04 16.23
N LEU A 222 -8.47 16.18 16.50
CA LEU A 222 -8.53 16.81 17.83
C LEU A 222 -9.23 15.96 18.90
N ARG A 223 -10.08 15.00 18.46
CA ARG A 223 -10.83 14.01 19.27
C ARG A 223 -11.04 12.74 18.43
N PRO A 224 -11.06 11.52 18.98
CA PRO A 224 -11.13 10.30 18.17
C PRO A 224 -12.50 10.11 17.50
N TRP A 225 -12.60 9.12 16.61
CA TRP A 225 -13.73 8.94 15.67
C TRP A 225 -13.75 7.55 15.02
N CYS A 226 -14.93 7.13 14.49
CA CYS A 226 -15.16 6.21 13.36
C CYS A 226 -16.66 5.87 13.19
N PHE A 227 -16.97 4.79 12.46
CA PHE A 227 -18.29 4.48 11.93
C PHE A 227 -19.25 3.88 12.94
N THR A 228 -20.20 4.68 13.37
CA THR A 228 -21.39 4.22 14.08
C THR A 228 -22.08 3.08 13.32
N THR A 229 -22.58 2.08 14.06
CA THR A 229 -23.45 1.00 13.57
C THR A 229 -24.70 1.54 12.89
N ASP A 230 -25.30 2.55 13.50
CA ASP A 230 -26.47 3.25 12.97
C ASP A 230 -26.13 3.91 11.64
N PRO A 231 -26.70 3.47 10.50
CA PRO A 231 -26.48 4.16 9.24
C PRO A 231 -27.04 5.60 9.19
N ASN A 232 -27.81 6.09 10.17
CA ASN A 232 -28.18 7.51 10.24
C ASN A 232 -27.09 8.38 10.87
N LYS A 233 -26.50 7.99 12.02
CA LYS A 233 -25.30 8.64 12.56
C LYS A 233 -24.05 8.37 11.71
N ARG A 234 -23.95 7.16 11.14
CA ARG A 234 -22.96 6.59 10.19
C ARG A 234 -21.50 6.60 10.65
N TRP A 235 -20.95 7.77 10.96
CA TRP A 235 -19.67 7.90 11.65
C TRP A 235 -19.62 9.20 12.45
N GLU A 236 -18.89 9.19 13.56
CA GLU A 236 -18.92 10.27 14.54
C GLU A 236 -17.71 10.24 15.48
N LEU A 237 -17.58 11.27 16.31
CA LEU A 237 -16.54 11.34 17.33
C LEU A 237 -16.70 10.25 18.38
N CYS A 238 -15.63 9.49 18.59
CA CYS A 238 -15.42 8.64 19.76
C CYS A 238 -15.18 9.49 21.02
N ASP A 239 -15.59 9.02 22.20
CA ASP A 239 -15.52 9.75 23.47
C ASP A 239 -15.03 8.91 24.66
N ILE A 240 -14.17 9.49 25.50
CA ILE A 240 -13.19 8.83 26.38
C ILE A 240 -12.96 9.70 27.65
N PRO A 241 -12.52 9.16 28.80
CA PRO A 241 -11.92 9.96 29.89
C PRO A 241 -10.77 10.90 29.46
N ARG A 242 -10.45 11.90 30.31
CA ARG A 242 -9.50 13.00 30.06
C ARG A 242 -8.01 12.58 29.85
N CYS A 243 -7.17 13.52 29.40
CA CYS A 243 -5.71 13.37 29.24
C CYS A 243 -4.90 14.57 29.82
N THR A 244 -3.67 14.32 30.27
CA THR A 244 -2.72 15.32 30.83
C THR A 244 -1.27 15.08 30.38
N THR A 245 -0.49 14.27 31.10
CA THR A 245 0.85 13.78 30.66
C THR A 245 0.67 12.82 29.46
N PRO A 246 1.38 12.96 28.32
CA PRO A 246 2.65 13.62 28.00
C PRO A 246 3.80 13.66 29.04
N PRO A 247 4.76 12.72 28.96
CA PRO A 247 6.01 12.72 29.72
C PRO A 247 7.23 13.00 28.81
N PRO A 248 7.44 14.24 28.34
CA PRO A 248 8.57 14.59 27.47
C PRO A 248 9.93 14.66 28.20
N SER A 249 11.01 14.48 27.44
CA SER A 249 12.43 14.61 27.82
C SER A 249 13.19 15.25 26.65
N SER A 250 14.51 15.13 26.56
CA SER A 250 15.24 15.66 25.40
C SER A 250 14.99 14.87 24.10
N GLY A 251 14.43 13.65 24.16
CA GLY A 251 13.68 13.03 23.06
C GLY A 251 14.47 12.68 21.78
N PRO A 252 13.85 12.74 20.59
CA PRO A 252 14.49 12.44 19.31
C PRO A 252 15.27 13.64 18.75
N THR A 253 16.40 13.39 18.10
CA THR A 253 17.10 14.35 17.22
C THR A 253 17.92 13.60 16.16
N TYR A 254 18.07 14.21 14.99
CA TYR A 254 18.77 13.68 13.81
C TYR A 254 20.29 13.76 13.92
N GLN A 255 21.02 12.79 13.35
CA GLN A 255 22.50 12.77 13.31
C GLN A 255 23.13 13.33 12.01
N CYS A 256 22.33 13.53 10.96
CA CYS A 256 22.72 14.20 9.72
C CYS A 256 21.47 14.82 9.04
N LEU A 257 21.65 15.63 7.99
CA LEU A 257 20.71 16.68 7.58
C LEU A 257 19.47 16.22 6.78
N LYS A 258 18.81 15.15 7.24
CA LYS A 258 17.36 14.92 7.02
C LYS A 258 16.45 15.81 7.89
N GLY A 259 17.04 16.56 8.82
CA GLY A 259 16.39 17.17 9.99
C GLY A 259 15.47 18.38 9.76
N THR A 260 14.80 18.81 10.83
CA THR A 260 13.76 19.85 10.80
C THR A 260 14.31 21.26 10.51
N GLY A 261 15.52 21.57 10.97
CA GLY A 261 16.13 22.89 10.82
C GLY A 261 16.02 23.81 12.06
N GLU A 262 15.50 23.30 13.18
CA GLU A 262 15.28 24.07 14.42
C GLU A 262 16.57 24.68 15.02
N ASN A 263 17.71 24.02 14.84
CA ASN A 263 19.01 24.34 15.47
C ASN A 263 19.78 25.51 14.83
N TYR A 264 19.11 26.51 14.26
CA TYR A 264 19.72 27.61 13.49
C TYR A 264 20.47 28.65 14.35
N ARG A 265 21.70 28.37 14.79
CA ARG A 265 22.51 29.17 15.75
C ARG A 265 22.84 30.62 15.28
N GLY A 266 22.49 31.01 14.06
CA GLY A 266 23.15 32.10 13.32
C GLY A 266 23.12 33.48 13.97
N ASN A 267 24.18 34.27 13.75
CA ASN A 267 24.35 35.64 14.25
C ASN A 267 23.75 36.73 13.32
N VAL A 268 22.87 36.36 12.39
CA VAL A 268 22.30 37.19 11.31
C VAL A 268 20.90 36.66 10.95
N ALA A 269 20.30 37.12 9.86
CA ALA A 269 19.14 36.48 9.23
C ALA A 269 19.04 36.76 7.70
N VAL A 270 20.12 37.23 7.05
CA VAL A 270 20.09 37.93 5.75
C VAL A 270 19.45 37.17 4.59
N THR A 271 18.82 37.93 3.68
CA THR A 271 18.37 37.55 2.32
C THR A 271 18.54 38.76 1.39
N VAL A 272 18.30 38.59 0.09
CA VAL A 272 18.28 39.72 -0.86
C VAL A 272 17.04 40.64 -0.75
N SER A 273 16.04 40.31 0.07
CA SER A 273 14.73 40.99 0.02
C SER A 273 14.60 42.37 0.65
N GLY A 274 15.41 42.72 1.65
CA GLY A 274 15.04 43.77 2.61
C GLY A 274 16.12 44.17 3.63
N HIS A 275 15.79 44.20 4.93
CA HIS A 275 16.64 44.81 5.96
C HIS A 275 16.63 44.11 7.33
N THR A 276 15.47 43.88 7.97
CA THR A 276 15.29 43.29 9.32
C THR A 276 13.82 42.92 9.53
N CYS A 277 13.50 42.18 10.60
CA CYS A 277 12.29 41.36 10.66
C CYS A 277 11.48 41.59 11.96
N GLN A 278 11.43 40.67 12.96
CA GLN A 278 10.71 40.81 14.28
C GLN A 278 11.41 40.29 15.57
N HIS A 279 11.77 41.24 16.44
CA HIS A 279 11.86 41.06 17.89
C HIS A 279 10.47 41.29 18.42
N TRP A 280 9.85 40.27 18.97
CA TRP A 280 8.40 40.27 19.14
C TRP A 280 7.89 41.20 20.26
N SER A 281 8.74 42.05 20.85
CA SER A 281 8.26 43.30 21.49
C SER A 281 7.50 44.17 20.50
N ALA A 282 7.73 43.96 19.20
CA ALA A 282 6.96 44.49 18.11
C ALA A 282 5.55 43.92 17.98
N GLN A 283 5.16 42.90 18.74
CA GLN A 283 3.79 42.42 18.73
C GLN A 283 2.77 43.50 19.15
N THR A 284 3.20 44.63 19.73
CA THR A 284 2.30 45.73 20.13
C THR A 284 1.55 46.32 18.92
N PRO A 285 0.22 46.14 18.76
CA PRO A 285 -0.68 45.17 19.38
C PRO A 285 -1.15 44.06 18.41
N HIS A 286 -0.63 43.95 17.18
CA HIS A 286 -0.94 42.82 16.27
C HIS A 286 -0.32 41.50 16.76
N THR A 287 -1.15 40.60 17.28
CA THR A 287 -0.73 39.25 17.67
C THR A 287 -0.28 38.43 16.46
N HIS A 288 0.69 37.54 16.66
CA HIS A 288 1.34 36.74 15.61
C HIS A 288 1.13 35.23 15.85
N ASN A 289 1.05 34.46 14.77
CA ASN A 289 0.84 33.01 14.79
C ASN A 289 2.00 32.22 15.43
N ARG A 290 3.17 32.85 15.61
CA ARG A 290 4.23 32.43 16.54
C ARG A 290 4.69 33.64 17.37
N THR A 291 5.05 33.46 18.64
CA THR A 291 5.72 34.45 19.52
C THR A 291 6.66 33.72 20.51
N PRO A 292 7.64 34.39 21.16
CA PRO A 292 8.75 33.74 21.87
C PRO A 292 8.35 32.79 23.01
N GLU A 293 7.23 33.01 23.71
CA GLU A 293 6.83 32.15 24.84
C GLU A 293 6.47 30.71 24.41
N ASN A 294 6.12 30.46 23.14
CA ASN A 294 5.95 29.12 22.59
C ASN A 294 7.25 28.50 22.03
N PHE A 295 8.39 29.17 22.21
CA PHE A 295 9.74 28.63 22.02
C PHE A 295 10.60 28.96 23.27
N PRO A 296 10.31 28.36 24.45
CA PRO A 296 10.60 28.96 25.75
C PRO A 296 12.06 29.34 26.03
N CYS A 297 13.04 28.54 25.58
CA CYS A 297 14.46 28.88 25.68
C CYS A 297 15.27 28.14 24.59
N LYS A 298 15.45 28.79 23.43
CA LYS A 298 15.94 28.16 22.18
C LYS A 298 16.76 29.11 21.28
N ASN A 299 17.75 29.79 21.88
CA ASN A 299 18.75 30.68 21.27
C ASN A 299 18.21 31.89 20.47
N LEU A 300 17.06 32.47 20.85
CA LEU A 300 16.58 33.76 20.30
C LEU A 300 17.49 34.91 20.80
N ASP A 301 18.62 35.12 20.11
CA ASP A 301 19.67 36.09 20.48
C ASP A 301 19.21 37.54 20.28
N GLU A 302 18.63 38.11 21.34
CA GLU A 302 17.78 39.30 21.36
C GLU A 302 16.59 39.16 20.39
N ASN A 303 16.82 39.24 19.07
CA ASN A 303 16.00 38.55 18.08
C ASN A 303 16.66 38.33 16.70
N TYR A 304 17.90 37.84 16.61
CA TYR A 304 18.18 37.06 15.39
C TYR A 304 17.25 35.85 15.44
N CYS A 305 16.34 35.70 14.48
CA CYS A 305 15.22 34.76 14.68
C CYS A 305 15.62 33.28 14.43
N ARG A 306 14.72 32.35 14.77
CA ARG A 306 14.99 30.91 14.87
C ARG A 306 13.88 30.07 14.23
N ASN A 307 14.26 28.97 13.55
CA ASN A 307 13.38 28.25 12.61
C ASN A 307 12.05 27.74 13.22
N PRO A 308 10.90 28.09 12.62
CA PRO A 308 9.60 27.49 12.90
C PRO A 308 9.22 26.47 11.80
N ASP A 309 9.84 25.29 11.81
CA ASP A 309 9.53 24.13 10.96
C ASP A 309 9.89 24.30 9.46
N GLY A 310 9.75 23.23 8.67
CA GLY A 310 9.90 23.21 7.21
C GLY A 310 11.31 22.82 6.71
N LYS A 311 12.31 23.68 6.96
CA LYS A 311 13.71 23.48 6.55
C LYS A 311 14.68 24.36 7.35
N ARG A 312 15.97 24.17 7.08
CA ARG A 312 17.21 24.77 7.63
C ARG A 312 17.31 26.29 7.92
N ALA A 313 16.24 27.08 8.07
CA ALA A 313 16.32 28.53 8.33
C ALA A 313 15.05 29.19 8.95
N PRO A 314 15.15 30.38 9.58
CA PRO A 314 14.02 31.22 10.04
C PRO A 314 13.19 31.79 8.88
N TRP A 315 11.88 32.02 9.10
CA TRP A 315 10.90 32.42 8.07
C TRP A 315 9.67 33.13 8.69
N CYS A 316 9.95 33.98 9.67
CA CYS A 316 9.01 34.30 10.74
C CYS A 316 8.00 35.43 10.36
N HIS A 317 8.25 36.70 10.74
CA HIS A 317 7.52 37.94 10.36
C HIS A 317 8.46 39.18 10.18
N THR A 318 8.06 40.21 9.43
CA THR A 318 8.66 41.57 9.46
C THR A 318 7.55 42.61 9.47
N THR A 319 7.77 43.87 9.78
CA THR A 319 6.65 44.84 9.74
C THR A 319 6.11 45.03 8.31
N ASN A 320 6.89 44.71 7.27
CA ASN A 320 6.47 44.51 5.87
C ASN A 320 6.04 43.04 5.60
N SER A 321 5.31 42.79 4.50
CA SER A 321 4.65 41.49 4.19
C SER A 321 4.96 40.86 2.81
N GLN A 322 6.12 41.17 2.20
CA GLN A 322 6.45 40.78 0.81
C GLN A 322 6.26 39.29 0.48
N VAL A 323 6.75 38.40 1.34
CA VAL A 323 6.61 36.94 1.22
C VAL A 323 6.95 36.30 2.57
N ARG A 324 5.97 35.79 3.33
CA ARG A 324 6.26 35.23 4.67
C ARG A 324 6.98 33.88 4.61
N TRP A 325 6.73 33.10 3.58
CA TRP A 325 7.54 31.92 3.23
C TRP A 325 8.93 32.28 2.65
N GLU A 326 9.42 33.53 2.76
CA GLU A 326 10.87 33.78 2.68
C GLU A 326 11.61 33.23 3.92
N TYR A 327 12.50 32.28 3.67
CA TYR A 327 13.51 31.82 4.62
C TYR A 327 14.76 32.74 4.60
N CYS A 328 15.53 32.82 5.69
CA CYS A 328 16.91 33.33 5.65
C CYS A 328 17.78 32.53 4.66
N LYS A 329 18.88 33.12 4.15
CA LYS A 329 19.72 32.52 3.08
C LYS A 329 21.23 32.64 3.35
N ILE A 330 21.63 32.61 4.62
CA ILE A 330 23.02 32.83 5.05
C ILE A 330 23.95 31.83 4.35
N PRO A 331 25.07 32.26 3.73
CA PRO A 331 26.03 31.36 3.09
C PRO A 331 26.91 30.60 4.12
N SER A 332 26.80 29.26 4.19
CA SER A 332 27.62 28.38 5.05
C SER A 332 27.56 26.90 4.62
N CYS A 333 28.47 26.06 5.12
CA CYS A 333 28.61 24.62 4.85
C CYS A 333 27.55 23.74 5.57
N ASP A 334 26.27 24.10 5.47
CA ASP A 334 25.20 23.53 6.28
C ASP A 334 24.84 22.06 5.97
N SER A 335 24.47 21.75 4.71
CA SER A 335 23.63 20.56 4.40
C SER A 335 23.66 20.12 2.92
N SER A 336 23.19 18.89 2.67
CA SER A 336 23.15 18.23 1.35
C SER A 336 21.96 17.23 1.19
N PRO A 337 20.68 17.65 1.28
CA PRO A 337 19.52 16.75 1.19
C PRO A 337 19.30 16.17 -0.23
N VAL A 338 18.54 15.06 -0.33
CA VAL A 338 18.14 14.38 -1.58
C VAL A 338 16.78 13.64 -1.43
N SER A 339 16.05 13.37 -2.51
CA SER A 339 14.73 12.71 -2.50
C SER A 339 14.78 11.21 -2.15
N THR A 340 13.69 10.62 -1.67
CA THR A 340 13.73 9.41 -0.80
C THR A 340 12.78 8.22 -1.12
N GLU A 341 13.31 7.00 -0.84
CA GLU A 341 12.63 5.74 -0.45
C GLU A 341 11.49 5.15 -1.33
N GLN A 342 10.94 4.00 -0.87
CA GLN A 342 9.71 3.28 -1.26
C GLN A 342 9.61 2.61 -2.67
N LEU A 343 8.76 1.57 -2.76
CA LEU A 343 8.24 0.85 -3.95
C LEU A 343 9.25 0.07 -4.85
N ALA A 344 8.75 -0.59 -5.91
CA ALA A 344 9.45 -1.57 -6.78
C ALA A 344 8.88 -1.95 -8.19
N PRO A 345 7.68 -1.51 -8.66
CA PRO A 345 7.13 -1.84 -10.01
C PRO A 345 7.90 -1.33 -11.27
N THR A 346 7.18 -0.99 -12.37
CA THR A 346 7.66 -0.70 -13.74
C THR A 346 8.32 -1.88 -14.48
N ALA A 347 7.95 -3.12 -14.11
CA ALA A 347 8.49 -4.38 -14.63
C ALA A 347 8.21 -4.65 -16.14
N PRO A 348 9.13 -5.33 -16.85
CA PRO A 348 8.94 -5.73 -18.25
C PRO A 348 7.99 -6.93 -18.42
N PRO A 349 7.25 -7.01 -19.53
CA PRO A 349 6.82 -8.29 -20.08
C PRO A 349 8.04 -8.97 -20.71
N GLU A 350 8.42 -10.18 -20.28
CA GLU A 350 9.68 -10.81 -20.72
C GLU A 350 9.57 -11.56 -22.06
N LEU A 351 8.97 -10.89 -23.05
CA LEU A 351 8.89 -11.33 -24.45
C LEU A 351 8.27 -12.74 -24.59
N THR A 352 7.08 -12.94 -24.02
CA THR A 352 6.29 -14.19 -24.07
C THR A 352 5.24 -14.35 -25.19
N PRO A 353 4.85 -13.36 -26.04
CA PRO A 353 3.64 -13.49 -26.87
C PRO A 353 3.74 -14.60 -27.92
N VAL A 354 4.95 -14.81 -28.45
CA VAL A 354 5.42 -16.10 -28.96
C VAL A 354 6.85 -16.20 -28.44
N VAL A 355 7.04 -16.90 -27.32
CA VAL A 355 8.15 -16.62 -26.39
C VAL A 355 9.53 -16.64 -27.07
N GLN A 356 10.28 -15.56 -26.91
CA GLN A 356 11.62 -15.44 -27.47
C GLN A 356 12.48 -16.58 -26.88
N ASP A 357 13.15 -17.36 -27.73
CA ASP A 357 13.60 -18.72 -27.42
C ASP A 357 14.88 -18.77 -26.56
N CYS A 358 14.80 -18.16 -25.38
CA CYS A 358 15.87 -17.90 -24.41
C CYS A 358 15.38 -18.15 -22.96
N TYR A 359 14.45 -19.09 -22.78
CA TYR A 359 13.89 -19.56 -21.51
C TYR A 359 13.48 -21.04 -21.63
N HIS A 360 13.50 -21.79 -20.51
CA HIS A 360 13.33 -23.25 -20.50
C HIS A 360 12.35 -23.71 -19.40
N GLY A 361 11.45 -24.64 -19.73
CA GLY A 361 10.54 -25.29 -18.78
C GLY A 361 9.59 -24.35 -18.04
N ASP A 362 9.01 -24.82 -16.93
CA ASP A 362 8.12 -24.04 -16.05
C ASP A 362 8.82 -23.53 -14.76
N GLY A 363 10.11 -23.79 -14.61
CA GLY A 363 10.93 -23.34 -13.48
C GLY A 363 10.47 -23.92 -12.14
N GLN A 364 10.17 -25.23 -12.11
CA GLN A 364 9.35 -25.88 -11.07
C GLN A 364 9.72 -25.49 -9.63
N SER A 365 11.01 -25.38 -9.28
CA SER A 365 11.44 -24.76 -8.02
C SER A 365 12.93 -24.41 -8.01
N TYR A 366 13.26 -23.19 -7.55
CA TYR A 366 14.60 -22.77 -7.14
C TYR A 366 14.95 -22.05 -5.81
N ARG A 367 14.95 -22.86 -4.72
CA ARG A 367 15.25 -22.57 -3.28
C ARG A 367 14.96 -21.25 -2.57
N GLY A 368 13.81 -20.71 -2.94
CA GLY A 368 13.26 -19.45 -2.48
C GLY A 368 12.12 -19.03 -3.42
N THR A 369 12.01 -17.73 -3.68
CA THR A 369 11.03 -17.16 -4.60
C THR A 369 11.13 -17.65 -6.04
N SER A 370 12.31 -18.10 -6.48
CA SER A 370 12.58 -18.20 -7.91
C SER A 370 11.92 -19.40 -8.58
N SER A 371 11.14 -19.13 -9.61
CA SER A 371 10.90 -20.05 -10.73
C SER A 371 11.49 -19.49 -12.04
N THR A 372 12.54 -18.64 -11.95
CA THR A 372 12.78 -17.60 -12.97
C THR A 372 13.50 -18.02 -14.25
N THR A 373 13.43 -17.09 -15.21
CA THR A 373 13.95 -17.14 -16.57
C THR A 373 15.48 -17.05 -16.64
N THR A 374 16.07 -17.18 -17.85
CA THR A 374 17.53 -17.02 -18.11
C THR A 374 17.84 -16.29 -19.44
N THR A 375 17.02 -15.31 -19.83
CA THR A 375 17.17 -14.55 -21.09
C THR A 375 18.49 -13.75 -21.17
N GLY A 376 19.08 -13.38 -20.03
CA GLY A 376 20.51 -13.15 -19.79
C GLY A 376 21.24 -12.06 -20.62
N LYS A 377 21.44 -10.86 -20.04
CA LYS A 377 22.32 -9.77 -20.56
C LYS A 377 23.04 -9.01 -19.41
N LYS A 378 23.53 -7.79 -19.68
CA LYS A 378 24.39 -6.98 -18.80
C LYS A 378 23.68 -6.35 -17.58
N CYS A 379 24.39 -6.27 -16.45
CA CYS A 379 23.96 -5.88 -15.10
C CYS A 379 23.97 -4.35 -14.78
N GLN A 380 23.23 -3.90 -13.76
CA GLN A 380 23.23 -2.50 -13.29
C GLN A 380 24.34 -2.23 -12.26
N SER A 381 25.20 -1.22 -12.55
CA SER A 381 26.06 -0.58 -11.55
C SER A 381 25.22 0.14 -10.50
N TRP A 382 25.07 -0.44 -9.29
CA TRP A 382 24.11 0.02 -8.28
C TRP A 382 24.47 1.31 -7.51
N SER A 383 25.43 2.08 -8.01
CA SER A 383 25.67 3.48 -7.59
C SER A 383 25.36 4.49 -8.71
N SER A 384 24.46 4.13 -9.64
CA SER A 384 23.85 5.00 -10.66
C SER A 384 22.41 4.55 -11.00
N MET A 385 21.55 5.46 -11.43
CA MET A 385 20.10 5.23 -11.67
C MET A 385 19.77 4.41 -12.94
N THR A 386 20.79 4.13 -13.75
CA THR A 386 20.76 3.64 -15.15
C THR A 386 19.85 2.42 -15.41
N PRO A 387 19.33 2.19 -16.64
CA PRO A 387 19.46 3.00 -17.87
C PRO A 387 18.14 3.59 -18.41
N HIS A 388 17.23 2.75 -18.91
CA HIS A 388 15.85 3.06 -19.32
C HIS A 388 14.97 3.31 -18.09
N ARG A 389 13.89 4.10 -18.23
CA ARG A 389 13.11 4.55 -17.07
C ARG A 389 12.46 3.39 -16.28
N HIS A 390 12.57 3.48 -14.96
CA HIS A 390 11.90 2.67 -13.95
C HIS A 390 11.74 3.50 -12.65
N GLN A 391 10.77 3.15 -11.80
CA GLN A 391 10.18 4.08 -10.81
C GLN A 391 11.07 4.49 -9.62
N LYS A 392 12.19 3.81 -9.36
CA LYS A 392 13.04 4.01 -8.17
C LYS A 392 14.50 3.66 -8.42
N THR A 393 15.38 4.01 -7.50
CA THR A 393 16.84 3.98 -7.67
C THR A 393 17.53 3.33 -6.47
N PRO A 394 18.81 2.91 -6.56
CA PRO A 394 19.53 2.35 -5.42
C PRO A 394 19.60 3.31 -4.22
N GLU A 395 19.73 4.62 -4.45
CA GLU A 395 19.76 5.61 -3.35
C GLU A 395 18.42 5.81 -2.63
N ASN A 396 17.36 5.09 -3.01
CA ASN A 396 16.15 4.98 -2.19
C ASN A 396 16.35 4.10 -0.94
N TYR A 397 17.26 3.12 -0.93
CA TYR A 397 17.49 2.16 0.18
C TYR A 397 18.96 2.09 0.67
N PRO A 398 19.68 3.21 0.85
CA PRO A 398 21.14 3.28 0.73
C PRO A 398 21.95 2.41 1.73
N ASN A 399 21.54 2.29 2.99
CA ASN A 399 22.29 1.52 3.99
C ASN A 399 22.17 -0.01 3.84
N ALA A 400 21.42 -0.53 2.87
CA ALA A 400 21.16 -1.96 2.66
C ALA A 400 22.36 -2.79 2.12
N GLY A 401 23.61 -2.41 2.43
CA GLY A 401 24.83 -2.93 1.81
C GLY A 401 25.21 -2.26 0.49
N LEU A 402 24.59 -1.13 0.14
CA LEU A 402 24.64 -0.51 -1.20
C LEU A 402 25.79 0.50 -1.41
N THR A 403 26.90 0.36 -0.68
CA THR A 403 28.15 1.11 -0.90
C THR A 403 28.96 0.52 -2.07
N MET A 404 30.19 1.00 -2.30
CA MET A 404 31.01 0.68 -3.49
C MET A 404 30.18 0.83 -4.79
N ASN A 405 30.36 -0.05 -5.77
CA ASN A 405 29.39 -0.31 -6.84
C ASN A 405 28.65 -1.63 -6.57
N TYR A 406 28.44 -1.99 -5.29
CA TYR A 406 28.04 -3.34 -4.91
C TYR A 406 26.74 -3.74 -5.60
N CYS A 407 26.89 -4.69 -6.49
CA CYS A 407 25.87 -5.64 -6.84
C CYS A 407 25.28 -6.20 -5.52
N ARG A 408 23.97 -6.00 -5.33
CA ARG A 408 23.22 -6.38 -4.11
C ARG A 408 21.81 -6.86 -4.47
N ASN A 409 21.30 -7.85 -3.71
CA ASN A 409 20.02 -8.50 -3.94
C ASN A 409 18.84 -7.50 -3.82
N PRO A 410 18.06 -7.19 -4.88
CA PRO A 410 17.16 -6.04 -4.88
C PRO A 410 15.79 -6.25 -4.21
N ASP A 411 14.88 -7.05 -4.78
CA ASP A 411 13.45 -7.09 -4.37
C ASP A 411 12.79 -8.48 -4.59
N ALA A 412 13.52 -9.54 -4.25
CA ALA A 412 13.08 -10.93 -4.10
C ALA A 412 12.47 -11.69 -5.31
N ASP A 413 11.59 -11.15 -6.15
CA ASP A 413 10.71 -11.95 -7.04
C ASP A 413 11.45 -12.99 -7.91
N LYS A 414 12.49 -12.57 -8.65
CA LYS A 414 13.30 -13.48 -9.49
C LYS A 414 14.19 -14.48 -8.72
N GLY A 415 14.39 -14.34 -7.41
CA GLY A 415 15.59 -14.83 -6.72
C GLY A 415 16.72 -13.80 -6.79
N PRO A 416 17.99 -14.14 -6.58
CA PRO A 416 19.06 -13.14 -6.55
C PRO A 416 19.27 -12.45 -7.91
N TRP A 417 18.84 -11.18 -8.07
CA TRP A 417 18.65 -10.53 -9.38
C TRP A 417 19.40 -9.20 -9.58
N CYS A 418 19.61 -8.79 -10.84
CA CYS A 418 20.11 -7.44 -11.18
C CYS A 418 19.34 -6.80 -12.36
N PHE A 419 19.08 -5.48 -12.26
CA PHE A 419 18.40 -4.71 -13.31
C PHE A 419 19.26 -4.79 -14.57
N THR A 420 18.70 -5.42 -15.58
CA THR A 420 19.37 -5.81 -16.79
C THR A 420 19.17 -4.73 -17.84
N THR A 421 20.27 -4.22 -18.39
CA THR A 421 20.30 -2.92 -19.05
C THR A 421 19.75 -2.91 -20.49
N ASP A 422 18.93 -3.89 -20.89
CA ASP A 422 18.62 -4.18 -22.30
C ASP A 422 17.11 -4.27 -22.64
N PRO A 423 16.66 -3.78 -23.81
CA PRO A 423 15.25 -3.85 -24.23
C PRO A 423 14.62 -5.25 -24.26
N SER A 424 15.42 -6.31 -24.47
CA SER A 424 14.93 -7.69 -24.48
C SER A 424 14.72 -8.28 -23.07
N VAL A 425 15.30 -7.70 -22.01
CA VAL A 425 15.03 -8.10 -20.62
C VAL A 425 15.53 -7.04 -19.63
N ARG A 426 14.63 -6.53 -18.78
CA ARG A 426 14.99 -5.49 -17.79
C ARG A 426 15.47 -6.00 -16.43
N TRP A 427 15.41 -7.29 -16.10
CA TRP A 427 16.14 -7.82 -14.92
C TRP A 427 16.51 -9.31 -15.00
N GLU A 428 17.64 -9.71 -14.40
CA GLU A 428 18.16 -11.08 -14.41
C GLU A 428 18.88 -11.50 -13.13
N TYR A 429 20.19 -11.32 -12.99
CA TYR A 429 20.98 -11.99 -11.93
C TYR A 429 21.98 -11.06 -11.20
N CYS A 430 22.04 -11.20 -9.87
CA CYS A 430 22.95 -10.46 -8.99
C CYS A 430 24.42 -10.81 -9.28
N ASN A 431 25.29 -9.79 -9.49
CA ASN A 431 26.65 -10.02 -9.98
C ASN A 431 27.74 -10.83 -9.23
N LEU A 432 27.42 -11.40 -8.06
CA LEU A 432 28.22 -12.41 -7.34
C LEU A 432 27.37 -13.64 -6.97
N LYS A 433 26.33 -13.95 -7.78
CA LYS A 433 25.50 -15.16 -7.70
C LYS A 433 26.38 -16.42 -7.61
N LYS A 434 26.28 -17.15 -6.51
CA LYS A 434 27.00 -18.42 -6.27
C LYS A 434 26.34 -19.56 -7.07
N ASP A 461 -11.51 -31.62 -16.10
CA ASP A 461 -11.99 -30.64 -15.12
C ASP A 461 -11.05 -29.43 -14.93
N CYS A 462 -10.25 -29.09 -15.95
CA CYS A 462 -9.07 -28.25 -15.79
C CYS A 462 -9.32 -26.73 -15.76
N MET A 463 -8.25 -25.98 -15.48
CA MET A 463 -8.20 -24.58 -15.04
C MET A 463 -8.98 -23.57 -15.88
N PHE A 464 -9.65 -22.62 -15.21
CA PHE A 464 -10.07 -21.36 -15.84
C PHE A 464 -8.87 -20.42 -16.07
N GLY A 465 -7.76 -20.62 -15.32
CA GLY A 465 -6.44 -19.99 -15.51
C GLY A 465 -5.83 -19.40 -14.23
N ASN A 466 -6.65 -18.78 -13.38
CA ASN A 466 -6.20 -17.94 -12.27
C ASN A 466 -6.91 -18.24 -10.93
N GLY A 467 -7.67 -19.32 -10.83
CA GLY A 467 -8.21 -19.86 -9.57
C GLY A 467 -9.44 -19.17 -8.94
N LYS A 468 -9.76 -17.93 -9.32
CA LYS A 468 -10.66 -17.01 -8.56
C LYS A 468 -11.97 -17.63 -8.12
N GLY A 469 -12.56 -18.37 -9.05
CA GLY A 469 -13.76 -19.15 -8.93
C GLY A 469 -13.65 -20.29 -9.94
N TYR A 470 -12.48 -20.91 -10.01
CA TYR A 470 -12.18 -22.06 -10.86
C TYR A 470 -13.09 -23.24 -10.47
N ARG A 471 -14.22 -23.42 -11.17
CA ARG A 471 -15.26 -24.42 -10.85
C ARG A 471 -14.85 -25.85 -11.25
N GLY A 472 -13.61 -26.26 -10.97
CA GLY A 472 -13.01 -27.48 -11.50
C GLY A 472 -11.95 -28.15 -10.62
N LYS A 473 -11.48 -29.31 -11.09
CA LYS A 473 -10.96 -30.42 -10.28
C LYS A 473 -9.88 -31.27 -11.00
N ARG A 474 -9.02 -30.69 -11.85
CA ARG A 474 -7.75 -31.35 -12.26
C ARG A 474 -6.72 -31.22 -11.10
N ALA A 475 -5.61 -31.96 -11.16
CA ALA A 475 -4.65 -32.07 -10.04
C ALA A 475 -3.16 -32.13 -10.46
N THR A 476 -2.83 -31.99 -11.74
CA THR A 476 -1.49 -32.32 -12.23
C THR A 476 -0.39 -31.41 -11.73
N THR A 477 0.75 -32.03 -11.52
CA THR A 477 2.07 -31.43 -11.50
C THR A 477 2.76 -31.62 -12.85
N VAL A 478 3.88 -30.93 -13.13
CA VAL A 478 4.87 -31.39 -14.11
C VAL A 478 5.54 -32.67 -13.60
N THR A 479 5.52 -32.86 -12.29
CA THR A 479 5.75 -34.13 -11.57
C THR A 479 4.70 -35.21 -11.93
N GLY A 480 3.73 -34.88 -12.80
CA GLY A 480 2.64 -35.74 -13.24
C GLY A 480 1.42 -35.67 -12.31
N THR A 481 1.31 -36.66 -11.44
CA THR A 481 0.12 -37.05 -10.65
C THR A 481 -0.39 -35.94 -9.68
N PRO A 482 -1.44 -36.19 -8.88
CA PRO A 482 -1.99 -35.20 -7.94
C PRO A 482 -1.01 -34.62 -6.91
N CYS A 483 -1.30 -33.42 -6.44
CA CYS A 483 -0.64 -32.82 -5.28
C CYS A 483 -1.13 -33.39 -3.95
N GLN A 484 -0.80 -32.73 -2.84
CA GLN A 484 -1.50 -32.91 -1.56
C GLN A 484 -2.77 -32.04 -1.51
N ASP A 485 -3.78 -32.51 -0.79
CA ASP A 485 -4.92 -31.71 -0.34
C ASP A 485 -4.48 -30.65 0.70
N TRP A 486 -4.85 -29.37 0.51
CA TRP A 486 -4.49 -28.29 1.46
C TRP A 486 -5.16 -28.41 2.83
N ALA A 487 -6.26 -29.17 2.92
CA ALA A 487 -6.89 -29.54 4.18
C ALA A 487 -6.02 -30.53 4.98
N ALA A 488 -5.23 -31.36 4.30
CA ALA A 488 -4.39 -32.34 4.96
C ALA A 488 -3.19 -31.68 5.67
N GLN A 489 -2.62 -32.42 6.63
CA GLN A 489 -1.47 -32.01 7.44
C GLN A 489 -0.18 -32.81 7.13
N GLU A 490 -0.19 -33.67 6.10
CA GLU A 490 1.01 -34.34 5.55
C GLU A 490 0.98 -34.28 4.01
N PRO A 491 2.10 -33.95 3.33
CA PRO A 491 3.34 -33.38 3.86
C PRO A 491 3.23 -31.94 4.43
N HIS A 492 2.64 -30.98 3.71
CA HIS A 492 2.37 -29.62 4.20
C HIS A 492 1.24 -29.62 5.24
N ARG A 493 1.21 -28.61 6.12
CA ARG A 493 0.25 -28.45 7.22
C ARG A 493 -0.11 -26.99 7.51
N HIS A 494 -1.30 -26.74 8.05
CA HIS A 494 -1.77 -25.41 8.48
C HIS A 494 -2.79 -25.53 9.64
N SER A 495 -3.00 -24.48 10.45
CA SER A 495 -4.22 -24.35 11.26
C SER A 495 -5.29 -23.46 10.60
N ILE A 496 -5.00 -22.19 10.32
CA ILE A 496 -5.99 -21.23 9.78
C ILE A 496 -6.40 -21.62 8.37
N PHE A 497 -5.43 -21.75 7.47
CA PHE A 497 -5.59 -21.71 6.02
C PHE A 497 -6.18 -23.01 5.42
N THR A 498 -7.09 -23.68 6.15
CA THR A 498 -7.87 -24.80 5.64
C THR A 498 -8.69 -24.35 4.42
N PRO A 499 -8.90 -25.20 3.40
CA PRO A 499 -9.82 -24.91 2.32
C PRO A 499 -11.20 -24.42 2.78
N GLU A 500 -11.76 -25.05 3.81
CA GLU A 500 -13.05 -24.64 4.37
C GLU A 500 -13.03 -23.20 4.89
N THR A 501 -11.89 -22.71 5.37
CA THR A 501 -11.74 -21.35 5.92
C THR A 501 -11.83 -20.28 4.80
N ASN A 502 -11.52 -20.64 3.55
CA ASN A 502 -11.62 -19.78 2.36
C ASN A 502 -12.44 -20.48 1.27
N PRO A 503 -13.76 -20.66 1.45
CA PRO A 503 -14.53 -21.68 0.73
C PRO A 503 -15.32 -21.21 -0.51
N ARG A 504 -15.34 -19.92 -0.86
CA ARG A 504 -16.39 -19.30 -1.72
C ARG A 504 -16.71 -19.98 -3.08
N ALA A 505 -15.76 -20.70 -3.68
CA ALA A 505 -16.00 -21.57 -4.83
C ALA A 505 -15.38 -22.98 -4.70
N GLY A 506 -14.84 -23.33 -3.53
CA GLY A 506 -14.23 -24.63 -3.23
C GLY A 506 -12.76 -24.75 -3.59
N LEU A 507 -11.94 -25.16 -2.61
CA LEU A 507 -10.53 -25.53 -2.75
C LEU A 507 -10.28 -26.96 -2.20
N GLU A 508 -11.30 -27.82 -2.16
CA GLU A 508 -11.28 -29.16 -1.52
C GLU A 508 -10.34 -30.17 -2.21
N LYS A 509 -9.95 -31.21 -1.45
CA LYS A 509 -9.21 -32.38 -1.95
C LYS A 509 -7.87 -32.03 -2.64
N ASN A 510 -7.23 -32.99 -3.29
CA ASN A 510 -5.90 -32.83 -3.87
C ASN A 510 -5.87 -32.19 -5.28
N TYR A 511 -6.92 -31.46 -5.65
CA TYR A 511 -6.97 -30.73 -6.93
C TYR A 511 -6.02 -29.51 -6.98
N CYS A 512 -5.67 -29.08 -8.19
CA CYS A 512 -4.89 -27.89 -8.49
C CYS A 512 -5.58 -26.62 -7.96
N ARG A 513 -4.82 -25.72 -7.34
CA ARG A 513 -5.20 -24.34 -7.00
C ARG A 513 -3.93 -23.48 -6.89
N ASN A 514 -3.75 -22.53 -7.81
CA ASN A 514 -2.84 -21.40 -7.60
C ASN A 514 -3.54 -20.28 -6.80
N PRO A 515 -3.24 -20.07 -5.51
CA PRO A 515 -3.84 -18.96 -4.76
C PRO A 515 -3.36 -17.59 -5.27
N ASP A 516 -2.20 -17.54 -5.94
CA ASP A 516 -1.69 -16.33 -6.61
C ASP A 516 -2.54 -16.00 -7.84
N GLY A 517 -3.10 -17.03 -8.48
CA GLY A 517 -3.66 -16.90 -9.81
C GLY A 517 -2.65 -16.28 -10.79
N ASP A 518 -1.36 -16.56 -10.59
CA ASP A 518 -0.20 -15.85 -11.16
C ASP A 518 -0.35 -15.49 -12.65
N VAL A 519 0.05 -14.29 -13.07
CA VAL A 519 0.23 -13.97 -14.49
C VAL A 519 1.10 -15.00 -15.24
N GLY A 520 1.99 -15.69 -14.53
CA GLY A 520 2.77 -16.84 -15.03
C GLY A 520 2.03 -18.17 -15.20
N GLY A 521 0.73 -18.24 -14.88
CA GLY A 521 -0.13 -19.42 -15.08
C GLY A 521 -0.33 -20.31 -13.85
N PRO A 522 -1.13 -21.39 -13.97
CA PRO A 522 -1.53 -22.22 -12.84
C PRO A 522 -0.42 -23.15 -12.34
N TRP A 523 -0.04 -22.98 -11.08
CA TRP A 523 0.90 -23.80 -10.33
C TRP A 523 0.49 -23.88 -8.85
N CYS A 524 0.94 -24.92 -8.13
CA CYS A 524 0.38 -25.25 -6.81
C CYS A 524 1.45 -25.72 -5.78
N TYR A 525 1.11 -25.60 -4.47
CA TYR A 525 1.92 -25.98 -3.29
C TYR A 525 2.02 -27.51 -3.17
N THR A 526 2.68 -28.14 -4.12
CA THR A 526 2.42 -29.52 -4.54
C THR A 526 2.51 -30.63 -3.52
N THR A 527 2.12 -31.84 -3.94
CA THR A 527 2.60 -33.10 -3.33
C THR A 527 4.12 -33.08 -3.05
N ASN A 528 4.96 -32.46 -3.90
CA ASN A 528 6.40 -32.33 -3.63
C ASN A 528 6.57 -31.46 -2.37
N PRO A 529 7.21 -31.95 -1.30
CA PRO A 529 7.35 -31.18 -0.07
C PRO A 529 8.32 -30.00 -0.20
N ARG A 530 8.16 -29.00 0.69
CA ARG A 530 9.13 -27.93 1.03
C ARG A 530 9.86 -27.25 -0.15
N LYS A 531 9.15 -26.99 -1.26
CA LYS A 531 9.66 -26.19 -2.39
C LYS A 531 8.53 -25.35 -3.02
N LEU A 532 8.90 -24.36 -3.82
CA LEU A 532 8.06 -23.29 -4.34
C LEU A 532 6.69 -23.73 -4.88
N TYR A 533 6.62 -24.45 -6.01
CA TYR A 533 5.35 -24.92 -6.60
C TYR A 533 5.54 -26.08 -7.61
N ASP A 534 4.51 -26.44 -8.37
CA ASP A 534 4.68 -27.04 -9.68
C ASP A 534 3.51 -26.65 -10.58
N TYR A 535 3.78 -26.49 -11.87
CA TYR A 535 2.77 -26.27 -12.89
C TYR A 535 1.95 -27.54 -13.11
N CYS A 536 0.88 -27.42 -13.90
CA CYS A 536 0.22 -28.57 -14.48
C CYS A 536 1.14 -29.40 -15.38
N ASP A 537 0.64 -30.56 -15.77
CA ASP A 537 1.02 -31.28 -16.99
C ASP A 537 0.43 -30.63 -18.25
N VAL A 538 -0.43 -29.62 -18.06
CA VAL A 538 -1.45 -29.17 -19.02
C VAL A 538 -1.24 -27.69 -19.42
N PRO A 539 -1.39 -27.31 -20.70
CA PRO A 539 -1.33 -25.91 -21.13
C PRO A 539 -2.64 -25.15 -20.82
N GLN A 540 -2.59 -23.82 -20.76
CA GLN A 540 -3.79 -22.99 -20.58
C GLN A 540 -4.74 -23.15 -21.78
N CYS A 541 -5.98 -23.57 -21.53
CA CYS A 541 -7.01 -23.53 -22.56
C CYS A 541 -7.35 -22.05 -22.88
N ALA A 542 -7.58 -21.73 -24.15
CA ALA A 542 -7.75 -20.34 -24.59
C ALA A 542 -9.09 -19.73 -24.13
N ALA A 543 -9.04 -18.51 -23.60
CA ALA A 543 -10.20 -17.65 -23.31
C ALA A 543 -10.06 -16.16 -23.73
N PRO A 544 -9.14 -15.74 -24.64
CA PRO A 544 -8.89 -14.33 -24.93
C PRO A 544 -10.10 -13.61 -25.53
N SER A 545 -10.17 -12.30 -25.32
CA SER A 545 -11.29 -11.46 -25.76
C SER A 545 -12.66 -11.89 -25.18
N PHE A 546 -12.66 -12.58 -24.04
CA PHE A 546 -13.88 -13.01 -23.34
C PHE A 546 -13.60 -13.33 -21.85
N ASP A 547 -12.36 -13.69 -21.56
CA ASP A 547 -11.71 -13.53 -20.26
C ASP A 547 -11.87 -12.12 -19.65
N CYS A 548 -11.63 -12.02 -18.34
CA CYS A 548 -12.02 -10.90 -17.50
C CYS A 548 -11.51 -9.53 -17.99
N GLY A 549 -10.30 -9.47 -18.56
CA GLY A 549 -9.69 -8.25 -19.10
C GLY A 549 -8.17 -8.34 -19.22
N LYS A 550 -7.66 -9.44 -19.78
CA LYS A 550 -6.21 -9.74 -19.85
C LYS A 550 -5.49 -9.07 -21.04
N PRO A 551 -4.36 -8.36 -20.85
CA PRO A 551 -3.35 -8.20 -21.89
C PRO A 551 -2.64 -9.55 -22.13
N GLN A 552 -2.95 -10.21 -23.25
CA GLN A 552 -2.48 -11.56 -23.63
C GLN A 552 -1.06 -11.54 -24.22
N VAL A 553 -0.79 -10.61 -25.14
CA VAL A 553 0.57 -10.08 -25.36
C VAL A 553 0.92 -9.28 -24.10
N GLU A 554 1.85 -9.76 -23.26
CA GLU A 554 2.11 -9.11 -21.97
C GLU A 554 2.60 -7.64 -22.16
N PRO A 555 2.10 -6.67 -21.36
CA PRO A 555 1.98 -5.28 -21.80
C PRO A 555 3.15 -4.34 -21.46
N LYS A 556 3.27 -3.25 -22.22
CA LYS A 556 3.99 -2.03 -21.82
C LYS A 556 3.26 -1.30 -20.69
N LYS A 557 4.02 -0.57 -19.85
CA LYS A 557 3.52 0.25 -18.74
C LYS A 557 4.39 1.49 -18.50
N CYS A 558 3.76 2.56 -18.00
CA CYS A 558 4.38 3.86 -17.71
C CYS A 558 3.76 4.50 -16.44
N PRO A 559 4.45 5.42 -15.73
CA PRO A 559 4.09 5.79 -14.35
C PRO A 559 2.80 6.59 -14.11
N GLY A 560 2.17 7.17 -15.13
CA GLY A 560 1.00 8.04 -14.96
C GLY A 560 1.33 9.32 -14.17
N ARG A 561 0.47 9.73 -13.23
CA ARG A 561 0.58 10.95 -12.42
C ARG A 561 0.81 12.23 -13.25
N VAL A 562 0.18 12.28 -14.42
CA VAL A 562 -0.05 13.48 -15.24
C VAL A 562 -1.49 13.44 -15.71
N VAL A 563 -2.20 14.56 -15.62
CA VAL A 563 -3.64 14.63 -15.93
C VAL A 563 -3.90 14.47 -17.44
N GLY A 564 -5.07 13.92 -17.80
CA GLY A 564 -5.52 13.79 -19.19
C GLY A 564 -4.91 12.59 -19.89
N GLY A 565 -3.71 12.75 -20.45
CA GLY A 565 -2.91 11.63 -20.94
C GLY A 565 -1.61 12.00 -21.66
N CYS A 566 -0.49 11.50 -21.13
CA CYS A 566 0.84 11.50 -21.74
C CYS A 566 0.88 10.67 -23.05
N VAL A 567 0.02 9.65 -23.17
CA VAL A 567 0.02 8.67 -24.27
C VAL A 567 -1.40 8.29 -24.73
N ALA A 568 -1.52 7.86 -25.97
CA ALA A 568 -2.75 7.34 -26.59
C ALA A 568 -2.40 6.11 -27.44
N HIS A 569 -2.03 5.00 -26.79
CA HIS A 569 -1.46 3.82 -27.45
C HIS A 569 -2.45 3.14 -28.43
N PRO A 570 -1.98 2.55 -29.55
CA PRO A 570 -2.79 1.73 -30.45
C PRO A 570 -3.40 0.46 -29.79
N HIS A 571 -4.55 0.62 -29.12
CA HIS A 571 -5.45 -0.45 -28.63
C HIS A 571 -4.86 -1.48 -27.63
N SER A 572 -3.71 -1.28 -26.97
CA SER A 572 -3.34 -2.11 -25.79
C SER A 572 -4.32 -1.94 -24.62
N TRP A 573 -5.18 -0.92 -24.66
CA TRP A 573 -6.48 -0.84 -24.01
C TRP A 573 -7.61 -1.22 -25.01
N PRO A 574 -7.91 -2.51 -25.22
CA PRO A 574 -8.91 -2.95 -26.19
C PRO A 574 -10.32 -3.11 -25.59
N TRP A 575 -10.47 -3.11 -24.26
CA TRP A 575 -11.74 -3.39 -23.61
C TRP A 575 -12.69 -2.19 -23.63
N GLN A 576 -13.13 -1.82 -24.84
CA GLN A 576 -13.71 -0.52 -25.15
C GLN A 576 -15.14 -0.62 -25.72
N VAL A 577 -16.10 0.11 -25.15
CA VAL A 577 -17.36 0.49 -25.79
C VAL A 577 -17.56 2.00 -25.66
N SER A 578 -18.02 2.68 -26.71
CA SER A 578 -18.30 4.12 -26.76
C SER A 578 -19.82 4.36 -26.67
N LEU A 579 -20.25 5.30 -25.82
CA LEU A 579 -21.66 5.64 -25.54
C LEU A 579 -21.93 7.07 -26.05
N ARG A 580 -23.00 7.22 -26.85
CA ARG A 580 -23.12 8.26 -27.90
C ARG A 580 -24.53 8.82 -28.11
N THR A 581 -24.59 10.03 -28.67
CA THR A 581 -25.85 10.75 -29.00
C THR A 581 -26.71 10.01 -30.04
N ARG A 582 -27.95 10.44 -30.28
CA ARG A 582 -28.83 9.83 -31.29
C ARG A 582 -28.29 9.85 -32.72
N PHE A 583 -27.54 10.89 -33.10
CA PHE A 583 -26.78 10.92 -34.36
C PHE A 583 -25.47 10.11 -34.29
N GLY A 584 -24.95 9.84 -33.09
CA GLY A 584 -23.71 9.09 -32.88
C GLY A 584 -22.49 9.95 -32.59
N MET A 585 -22.63 11.21 -32.18
CA MET A 585 -21.49 11.98 -31.63
C MET A 585 -21.09 11.40 -30.27
N HIS A 586 -19.82 11.57 -29.87
CA HIS A 586 -19.22 10.87 -28.73
C HIS A 586 -19.15 11.74 -27.47
N PHE A 587 -19.66 11.24 -26.33
CA PHE A 587 -19.60 11.90 -25.00
C PHE A 587 -19.32 10.93 -23.83
N CYS A 588 -19.52 9.61 -23.98
CA CYS A 588 -19.43 8.59 -22.94
C CYS A 588 -18.76 7.30 -23.47
N GLY A 589 -18.49 6.34 -22.58
CA GLY A 589 -18.05 4.99 -22.89
C GLY A 589 -18.90 3.92 -22.20
N GLY A 590 -18.36 2.70 -22.11
CA GLY A 590 -19.17 1.51 -21.88
C GLY A 590 -18.34 0.23 -21.88
N THR A 591 -19.00 -0.90 -21.65
CA THR A 591 -18.37 -2.17 -21.35
C THR A 591 -19.25 -3.34 -21.76
N LEU A 592 -18.88 -4.17 -22.74
CA LEU A 592 -19.57 -5.46 -22.88
C LEU A 592 -19.25 -6.35 -21.67
N ILE A 593 -20.20 -7.18 -21.23
CA ILE A 593 -19.99 -8.18 -20.16
C ILE A 593 -20.58 -9.57 -20.48
N SER A 594 -21.16 -9.81 -21.67
CA SER A 594 -21.39 -11.17 -22.23
C SER A 594 -21.68 -11.11 -23.74
N PRO A 595 -22.05 -12.21 -24.42
CA PRO A 595 -22.53 -12.14 -25.81
C PRO A 595 -23.65 -11.13 -26.00
N GLU A 596 -24.42 -10.80 -24.97
CA GLU A 596 -25.40 -9.72 -25.01
C GLU A 596 -25.35 -8.77 -23.81
N TRP A 597 -24.83 -9.20 -22.65
CA TRP A 597 -24.81 -8.35 -21.45
C TRP A 597 -23.80 -7.21 -21.65
N VAL A 598 -24.06 -6.05 -21.06
CA VAL A 598 -23.18 -4.87 -21.13
C VAL A 598 -23.34 -4.08 -19.83
N LEU A 599 -22.31 -3.36 -19.37
CA LEU A 599 -22.41 -2.22 -18.47
C LEU A 599 -21.95 -0.92 -19.17
N THR A 600 -22.69 0.16 -19.07
CA THR A 600 -22.25 1.52 -19.45
C THR A 600 -22.73 2.55 -18.45
N ALA A 601 -22.19 3.76 -18.58
CA ALA A 601 -22.75 4.95 -17.96
C ALA A 601 -24.12 5.28 -18.55
N ALA A 602 -24.70 6.38 -18.10
CA ALA A 602 -25.96 6.89 -18.61
C ALA A 602 -26.12 8.42 -18.52
N HIS A 603 -25.13 9.21 -18.07
CA HIS A 603 -25.24 10.68 -17.93
C HIS A 603 -25.25 11.45 -19.28
N CYS A 604 -26.33 11.21 -20.01
CA CYS A 604 -26.88 11.89 -21.19
C CYS A 604 -28.33 11.36 -21.34
N LEU A 605 -28.49 10.05 -21.08
CA LEU A 605 -29.71 9.43 -20.56
C LEU A 605 -29.94 9.96 -19.12
N GLU A 606 -30.34 9.10 -18.16
CA GLU A 606 -30.49 9.46 -16.74
C GLU A 606 -31.52 10.60 -16.50
N LYS A 607 -32.50 10.76 -17.40
CA LYS A 607 -33.52 11.84 -17.40
C LYS A 607 -34.97 11.49 -17.92
N SER A 608 -35.25 10.58 -18.87
CA SER A 608 -36.63 10.24 -19.40
C SER A 608 -36.77 8.87 -20.11
N PRO A 609 -37.65 7.93 -19.69
CA PRO A 609 -37.72 6.53 -20.18
C PRO A 609 -38.11 6.23 -21.65
N ARG A 610 -37.57 6.95 -22.64
CA ARG A 610 -37.87 6.92 -24.09
C ARG A 610 -37.77 5.53 -24.78
N PRO A 611 -38.01 5.43 -26.12
CA PRO A 611 -37.64 4.26 -26.99
C PRO A 611 -36.29 4.38 -27.81
N SER A 612 -35.91 3.39 -28.66
CA SER A 612 -34.59 3.17 -29.37
C SER A 612 -34.06 4.32 -30.23
N SER A 613 -33.03 5.04 -29.77
CA SER A 613 -32.36 6.02 -30.62
C SER A 613 -31.10 6.62 -30.04
N TYR A 614 -31.03 6.87 -28.73
CA TYR A 614 -29.73 7.08 -28.10
C TYR A 614 -28.80 5.89 -28.35
N LYS A 615 -27.48 6.08 -28.44
CA LYS A 615 -26.62 5.19 -29.25
C LYS A 615 -25.36 4.68 -28.54
N VAL A 616 -24.85 3.53 -28.96
CA VAL A 616 -23.63 2.89 -28.43
C VAL A 616 -22.82 2.25 -29.58
N ILE A 617 -21.49 2.38 -29.61
CA ILE A 617 -20.58 1.71 -30.57
C ILE A 617 -19.63 0.83 -29.79
N LEU A 618 -19.30 -0.36 -30.30
CA LEU A 618 -18.45 -1.32 -29.60
C LEU A 618 -17.11 -1.44 -30.34
N GLY A 619 -16.12 -0.62 -29.95
CA GLY A 619 -14.72 -0.73 -30.43
C GLY A 619 -13.99 0.54 -30.88
N ALA A 620 -14.69 1.67 -31.02
CA ALA A 620 -14.07 2.94 -31.40
C ALA A 620 -13.19 3.48 -30.26
N HIS A 621 -11.87 3.41 -30.43
CA HIS A 621 -10.85 4.01 -29.55
C HIS A 621 -10.74 5.54 -29.76
N GLN A 622 -11.74 6.13 -30.42
CA GLN A 622 -11.74 7.45 -31.05
C GLN A 622 -13.19 8.00 -31.10
N GLU A 623 -13.35 9.30 -31.36
CA GLU A 623 -14.64 10.01 -31.43
C GLU A 623 -15.41 9.71 -32.74
N VAL A 624 -15.50 10.66 -33.69
CA VAL A 624 -16.19 10.46 -34.98
C VAL A 624 -15.43 9.49 -35.88
N ASN A 625 -14.10 9.47 -35.78
CA ASN A 625 -13.18 8.70 -36.62
C ASN A 625 -13.20 7.18 -36.31
N LEU A 626 -14.36 6.56 -36.50
CA LEU A 626 -14.56 5.11 -36.59
C LEU A 626 -13.91 4.50 -37.85
N GLU A 627 -13.80 3.17 -37.88
CA GLU A 627 -13.44 2.38 -39.07
C GLU A 627 -14.27 1.07 -39.11
N PRO A 628 -14.61 0.49 -40.29
CA PRO A 628 -15.69 -0.52 -40.38
C PRO A 628 -15.48 -1.86 -39.67
N HIS A 629 -14.26 -2.19 -39.23
CA HIS A 629 -13.99 -3.40 -38.42
C HIS A 629 -14.56 -3.31 -37.00
N VAL A 630 -14.80 -2.10 -36.49
CA VAL A 630 -15.47 -1.85 -35.21
C VAL A 630 -16.90 -2.42 -35.22
N GLN A 631 -17.43 -2.83 -34.07
CA GLN A 631 -18.84 -3.26 -33.97
C GLN A 631 -19.77 -2.04 -33.96
N GLU A 632 -20.67 -1.97 -34.94
CA GLU A 632 -21.45 -0.77 -35.27
C GLU A 632 -22.96 -1.05 -35.41
N ILE A 633 -23.44 -2.26 -35.05
CA ILE A 633 -24.84 -2.50 -34.69
C ILE A 633 -25.14 -1.69 -33.43
N GLU A 634 -26.05 -0.73 -33.51
CA GLU A 634 -26.39 0.13 -32.38
C GLU A 634 -27.08 -0.65 -31.28
N VAL A 635 -26.93 -0.21 -30.02
CA VAL A 635 -27.81 -0.67 -28.93
C VAL A 635 -29.20 -0.02 -29.10
N SER A 636 -29.98 -0.49 -30.07
CA SER A 636 -31.33 0.01 -30.34
C SER A 636 -32.14 -0.06 -29.05
N ARG A 637 -32.16 -1.25 -28.45
CA ARG A 637 -32.62 -1.50 -27.09
C ARG A 637 -31.69 -0.94 -26.04
N LEU A 638 -31.67 0.38 -25.97
CA LEU A 638 -31.30 1.15 -24.79
C LEU A 638 -31.93 0.57 -23.52
N PHE A 639 -31.52 1.09 -22.37
CA PHE A 639 -32.04 0.61 -21.12
C PHE A 639 -31.77 1.60 -20.02
N LEU A 640 -32.54 1.49 -18.94
CA LEU A 640 -32.14 2.03 -17.65
C LEU A 640 -32.95 1.36 -16.54
N GLU A 641 -32.39 1.35 -15.34
CA GLU A 641 -32.95 0.57 -14.23
C GLU A 641 -34.36 1.01 -13.87
N PRO A 642 -35.16 0.14 -13.26
CA PRO A 642 -36.30 0.44 -12.38
C PRO A 642 -36.18 1.59 -11.35
N THR A 643 -35.11 2.38 -11.39
CA THR A 643 -34.81 3.56 -10.58
C THR A 643 -33.96 4.61 -11.33
N ARG A 644 -33.74 4.50 -12.66
CA ARG A 644 -33.01 5.46 -13.53
C ARG A 644 -31.48 5.56 -13.39
N LYS A 645 -30.86 4.95 -12.38
CA LYS A 645 -29.42 5.14 -12.04
C LYS A 645 -28.48 4.86 -13.23
N ASP A 646 -27.40 5.65 -13.33
CA ASP A 646 -26.36 5.65 -14.37
C ASP A 646 -25.72 4.30 -14.74
N ILE A 647 -25.95 3.26 -13.94
CA ILE A 647 -25.60 1.86 -14.19
C ILE A 647 -26.45 1.30 -15.34
N ALA A 648 -26.27 1.81 -16.56
CA ALA A 648 -27.01 1.37 -17.71
C ALA A 648 -26.46 0.05 -18.25
N LEU A 649 -27.19 -1.06 -18.12
CA LEU A 649 -26.87 -2.22 -18.95
C LEU A 649 -27.36 -1.98 -20.36
N LEU A 650 -26.55 -1.32 -21.19
CA LEU A 650 -26.84 -1.17 -22.61
C LEU A 650 -26.54 -2.46 -23.37
N LYS A 651 -27.17 -3.53 -22.88
CA LYS A 651 -27.21 -4.87 -23.46
C LYS A 651 -27.39 -4.72 -24.96
N LEU A 652 -26.69 -5.55 -25.71
CA LEU A 652 -26.83 -5.56 -27.17
C LEU A 652 -28.20 -6.12 -27.59
N SER A 653 -28.79 -5.57 -28.66
CA SER A 653 -30.04 -6.06 -29.24
C SER A 653 -29.80 -7.48 -29.74
N SER A 654 -28.97 -7.61 -30.76
CA SER A 654 -28.33 -8.84 -31.18
C SER A 654 -27.31 -9.30 -30.14
N PRO A 655 -26.79 -10.54 -30.24
CA PRO A 655 -25.46 -10.84 -29.77
C PRO A 655 -24.40 -9.93 -30.39
N ALA A 656 -23.25 -9.86 -29.75
CA ALA A 656 -22.09 -9.09 -30.19
C ALA A 656 -21.45 -9.63 -31.49
N VAL A 657 -20.51 -8.87 -32.04
CA VAL A 657 -19.62 -9.20 -33.16
C VAL A 657 -18.16 -9.04 -32.68
N ILE A 658 -17.78 -9.73 -31.59
CA ILE A 658 -16.51 -9.56 -30.86
C ILE A 658 -15.28 -9.61 -31.79
N THR A 659 -14.26 -8.79 -31.52
CA THR A 659 -12.97 -8.77 -32.25
C THR A 659 -11.84 -8.30 -31.35
N ASP A 660 -10.58 -8.61 -31.69
CA ASP A 660 -9.44 -8.58 -30.75
C ASP A 660 -9.18 -7.19 -30.12
N LYS A 661 -9.47 -6.11 -30.84
CA LYS A 661 -9.31 -4.73 -30.34
C LYS A 661 -10.60 -4.15 -29.73
N VAL A 662 -11.54 -5.04 -29.36
CA VAL A 662 -12.84 -4.74 -28.74
C VAL A 662 -13.23 -5.83 -27.71
N ILE A 663 -12.78 -5.69 -26.46
CA ILE A 663 -12.87 -6.76 -25.45
C ILE A 663 -13.96 -6.51 -24.39
N PRO A 664 -14.85 -7.47 -24.11
CA PRO A 664 -15.74 -7.44 -22.94
C PRO A 664 -15.01 -7.61 -21.60
N ALA A 665 -15.59 -7.10 -20.53
CA ALA A 665 -15.38 -7.68 -19.20
C ALA A 665 -16.38 -8.87 -19.04
N CYS A 666 -16.77 -9.25 -17.82
CA CYS A 666 -17.71 -10.35 -17.57
C CYS A 666 -18.57 -10.06 -16.32
N LEU A 667 -18.84 -11.07 -15.50
CA LEU A 667 -19.64 -11.04 -14.27
C LEU A 667 -19.43 -9.74 -13.45
N PRO A 668 -20.42 -8.84 -13.34
CA PRO A 668 -20.29 -7.54 -12.66
C PRO A 668 -20.56 -7.64 -11.14
N SER A 669 -20.06 -8.72 -10.52
CA SER A 669 -20.64 -9.34 -9.32
C SER A 669 -20.79 -8.41 -8.10
N PRO A 670 -21.85 -8.58 -7.28
CA PRO A 670 -21.82 -8.20 -5.87
C PRO A 670 -20.90 -9.16 -5.07
N ASN A 671 -20.85 -9.00 -3.74
CA ASN A 671 -20.10 -9.77 -2.74
C ASN A 671 -18.55 -9.84 -2.84
N TYR A 672 -17.92 -9.59 -3.99
CA TYR A 672 -16.49 -9.18 -4.07
C TYR A 672 -16.31 -7.81 -3.37
N VAL A 673 -15.07 -7.47 -3.00
CA VAL A 673 -14.70 -6.13 -2.50
C VAL A 673 -13.39 -5.66 -3.16
N VAL A 674 -13.29 -4.38 -3.50
CA VAL A 674 -12.09 -3.75 -4.11
C VAL A 674 -10.89 -3.82 -3.13
N ALA A 675 -9.66 -3.83 -3.65
CA ALA A 675 -8.45 -3.59 -2.86
C ALA A 675 -8.38 -2.13 -2.29
N ASP A 676 -7.28 -1.73 -1.63
CA ASP A 676 -7.19 -0.49 -0.84
C ASP A 676 -5.81 0.22 -0.91
N ARG A 677 -5.77 1.56 -0.81
CA ARG A 677 -4.62 2.50 -0.95
C ARG A 677 -3.82 2.44 -2.28
N THR A 678 -3.72 1.27 -2.92
CA THR A 678 -3.15 1.00 -4.26
C THR A 678 -4.03 1.57 -5.38
N GLU A 679 -3.53 1.66 -6.61
CA GLU A 679 -4.24 2.26 -7.75
C GLU A 679 -5.31 1.33 -8.41
N CYS A 680 -6.51 1.87 -8.66
CA CYS A 680 -7.43 1.42 -9.71
C CYS A 680 -7.05 2.08 -11.07
N PHE A 681 -7.85 1.88 -12.14
CA PHE A 681 -7.67 2.50 -13.47
C PHE A 681 -9.01 2.84 -14.16
N ILE A 682 -8.97 3.74 -15.16
CA ILE A 682 -10.07 4.05 -16.08
C ILE A 682 -9.56 4.16 -17.52
N THR A 683 -10.35 3.67 -18.48
CA THR A 683 -10.05 3.77 -19.92
C THR A 683 -10.75 5.00 -20.51
N GLY A 684 -10.02 5.93 -21.14
CA GLY A 684 -10.47 7.31 -21.17
C GLY A 684 -10.77 7.94 -22.52
N TRP A 685 -12.01 7.88 -23.04
CA TRP A 685 -12.35 8.55 -24.30
C TRP A 685 -12.53 10.10 -24.18
N GLY A 686 -11.80 10.77 -23.31
CA GLY A 686 -11.81 12.23 -23.14
C GLY A 686 -10.95 13.03 -24.11
N GLU A 687 -11.18 14.35 -24.09
CA GLU A 687 -10.49 15.39 -24.84
C GLU A 687 -8.99 15.51 -24.52
N THR A 688 -8.25 16.19 -25.40
CA THR A 688 -6.80 16.04 -25.54
C THR A 688 -5.94 16.89 -24.59
N GLN A 689 -6.19 18.21 -24.50
CA GLN A 689 -5.40 19.21 -23.75
C GLN A 689 -3.89 19.24 -24.09
N GLY A 690 -3.50 20.00 -25.12
CA GLY A 690 -2.10 20.28 -25.48
C GLY A 690 -1.66 19.92 -26.92
N THR A 691 -2.59 19.54 -27.81
CA THR A 691 -2.33 19.22 -29.23
C THR A 691 -3.57 19.49 -30.11
N PHE A 692 -3.85 18.67 -31.13
CA PHE A 692 -5.11 18.69 -31.90
C PHE A 692 -6.37 18.65 -31.01
N GLY A 693 -7.43 19.33 -31.43
CA GLY A 693 -8.57 19.66 -30.56
C GLY A 693 -9.54 18.50 -30.25
N ALA A 694 -9.64 17.49 -31.10
CA ALA A 694 -10.50 16.32 -30.91
C ALA A 694 -9.96 15.07 -31.63
N GLY A 695 -10.30 13.87 -31.15
CA GLY A 695 -9.92 12.62 -31.79
C GLY A 695 -9.97 11.35 -30.93
N LEU A 696 -9.04 11.18 -29.99
CA LEU A 696 -8.57 9.86 -29.52
C LEU A 696 -8.80 9.60 -28.02
N LEU A 697 -8.90 8.32 -27.62
CA LEU A 697 -8.85 7.87 -26.21
C LEU A 697 -7.46 8.04 -25.57
N LYS A 698 -7.46 8.44 -24.30
CA LYS A 698 -6.34 8.59 -23.36
C LYS A 698 -6.64 7.78 -22.07
N GLU A 699 -5.86 7.93 -21.00
CA GLU A 699 -5.87 6.97 -19.87
C GLU A 699 -5.66 7.65 -18.49
N ALA A 700 -6.13 7.00 -17.41
CA ALA A 700 -5.85 7.42 -16.03
C ALA A 700 -5.74 6.24 -15.04
N GLN A 701 -4.71 6.24 -14.19
CA GLN A 701 -4.49 5.31 -13.07
C GLN A 701 -4.64 6.07 -11.75
N LEU A 702 -5.46 5.58 -10.80
CA LEU A 702 -6.10 6.40 -9.74
C LEU A 702 -6.48 5.55 -8.48
N PRO A 703 -5.96 5.80 -7.27
CA PRO A 703 -6.13 4.91 -6.10
C PRO A 703 -7.34 5.15 -5.17
N VAL A 704 -7.47 4.33 -4.11
CA VAL A 704 -8.52 4.45 -3.09
C VAL A 704 -8.26 5.62 -2.15
N ILE A 705 -9.29 6.45 -1.94
CA ILE A 705 -9.26 7.63 -1.08
C ILE A 705 -9.49 7.22 0.40
N GLU A 706 -8.86 7.95 1.33
CA GLU A 706 -8.93 7.67 2.77
C GLU A 706 -10.35 7.85 3.32
N ASN A 707 -10.75 7.01 4.30
CA ASN A 707 -12.13 6.89 4.79
C ASN A 707 -12.58 8.07 5.70
N LYS A 708 -12.11 9.29 5.43
CA LYS A 708 -12.31 10.52 6.22
C LYS A 708 -12.17 11.79 5.34
N VAL A 709 -12.71 11.77 4.12
CA VAL A 709 -12.63 12.90 3.16
C VAL A 709 -14.00 13.46 2.79
N CYS A 710 -14.86 12.71 2.10
CA CYS A 710 -16.16 13.21 1.61
C CYS A 710 -17.19 13.51 2.73
N ASN A 711 -17.22 12.67 3.77
CA ASN A 711 -18.34 12.56 4.70
C ASN A 711 -18.20 13.46 5.96
N ARG A 712 -17.43 14.56 5.88
CA ARG A 712 -16.71 15.17 7.02
C ARG A 712 -17.07 16.65 7.28
N TYR A 713 -16.87 17.10 8.52
CA TYR A 713 -17.27 18.40 9.05
C TYR A 713 -16.73 19.63 8.27
N GLU A 714 -15.45 19.64 7.90
CA GLU A 714 -14.76 20.79 7.29
C GLU A 714 -15.04 20.95 5.78
N PHE A 715 -14.67 19.97 4.97
CA PHE A 715 -14.51 20.17 3.52
C PHE A 715 -15.82 20.33 2.76
N LEU A 716 -16.87 19.58 3.13
CA LEU A 716 -18.12 19.45 2.37
C LEU A 716 -19.38 19.27 3.25
N ASN A 717 -19.34 18.48 4.33
CA ASN A 717 -20.50 18.10 5.14
C ASN A 717 -21.57 17.31 4.34
N GLY A 718 -21.14 16.23 3.67
CA GLY A 718 -22.01 15.14 3.22
C GLY A 718 -22.75 15.31 1.87
N ARG A 719 -22.19 16.10 0.94
CA ARG A 719 -22.86 16.54 -0.31
C ARG A 719 -23.05 15.48 -1.41
N VAL A 720 -22.57 14.25 -1.22
CA VAL A 720 -22.55 13.20 -2.26
C VAL A 720 -22.90 11.83 -1.64
N GLN A 721 -23.53 10.94 -2.43
CA GLN A 721 -24.06 9.66 -1.96
C GLN A 721 -23.00 8.52 -2.03
N SER A 722 -22.29 8.33 -0.91
CA SER A 722 -21.05 7.54 -0.75
C SER A 722 -21.16 6.01 -0.98
N THR A 723 -22.33 5.48 -1.33
CA THR A 723 -22.50 4.07 -1.76
C THR A 723 -22.05 3.84 -3.22
N GLU A 724 -21.87 4.89 -4.03
CA GLU A 724 -21.10 4.87 -5.29
C GLU A 724 -19.58 4.85 -5.04
N LEU A 725 -18.78 4.26 -5.94
CA LEU A 725 -17.33 4.04 -5.72
C LEU A 725 -16.46 5.03 -6.50
N CYS A 726 -15.51 5.64 -5.78
CA CYS A 726 -14.60 6.70 -6.25
C CYS A 726 -13.27 6.16 -6.82
N ALA A 727 -12.38 7.08 -7.22
CA ALA A 727 -10.92 6.92 -7.24
C ALA A 727 -10.24 8.30 -7.07
N GLY A 728 -9.03 8.38 -6.53
CA GLY A 728 -8.29 9.63 -6.36
C GLY A 728 -6.98 9.48 -5.56
N HIS A 729 -5.93 10.18 -6.02
CA HIS A 729 -4.56 10.19 -5.48
C HIS A 729 -4.40 10.88 -4.12
N LEU A 730 -3.22 10.72 -3.49
CA LEU A 730 -2.73 11.63 -2.46
C LEU A 730 -2.33 13.02 -3.00
N ALA A 731 -2.36 13.25 -4.33
CA ALA A 731 -1.94 14.48 -5.02
C ALA A 731 -2.55 14.68 -6.44
N GLY A 732 -3.87 14.52 -6.61
CA GLY A 732 -4.59 14.94 -7.83
C GLY A 732 -4.60 13.96 -9.01
N GLY A 733 -5.54 14.17 -9.93
CA GLY A 733 -5.83 13.27 -11.07
C GLY A 733 -7.12 13.65 -11.81
N THR A 734 -7.95 12.66 -12.15
CA THR A 734 -9.34 12.78 -12.69
C THR A 734 -10.21 11.62 -12.18
N ASP A 735 -11.48 11.55 -12.55
CA ASP A 735 -12.18 10.25 -12.66
C ASP A 735 -12.31 9.86 -14.15
N SER A 736 -13.33 9.11 -14.53
CA SER A 736 -13.74 9.02 -15.92
C SER A 736 -14.25 10.37 -16.40
N CYS A 737 -13.42 11.07 -17.18
CA CYS A 737 -13.85 12.19 -17.95
C CYS A 737 -14.89 11.79 -19.04
N GLN A 738 -15.34 12.79 -19.81
CA GLN A 738 -16.11 12.61 -21.04
C GLN A 738 -15.56 11.41 -21.79
N GLY A 739 -16.43 10.48 -22.16
CA GLY A 739 -15.99 9.38 -22.97
C GLY A 739 -15.33 8.29 -22.13
N ASP A 740 -14.41 8.61 -21.23
CA ASP A 740 -13.92 7.68 -20.22
C ASP A 740 -15.01 6.94 -19.45
N SER A 741 -16.16 7.59 -19.32
CA SER A 741 -17.35 7.11 -18.69
C SER A 741 -17.69 5.67 -19.05
N GLY A 742 -18.39 4.90 -18.23
CA GLY A 742 -18.97 3.64 -18.64
C GLY A 742 -18.01 2.48 -18.91
N GLY A 743 -16.71 2.73 -19.06
CA GLY A 743 -15.71 1.69 -19.30
C GLY A 743 -15.64 0.63 -18.19
N PRO A 744 -14.89 -0.46 -18.42
CA PRO A 744 -14.78 -1.55 -17.45
C PRO A 744 -14.17 -0.98 -16.20
N LEU A 745 -14.87 -1.14 -15.08
CA LEU A 745 -14.47 -0.56 -13.81
C LEU A 745 -13.44 -1.49 -13.15
N VAL A 746 -12.23 -1.50 -13.72
CA VAL A 746 -11.30 -2.63 -13.61
C VAL A 746 -10.79 -2.85 -12.19
N CYS A 747 -11.13 -4.01 -11.64
CA CYS A 747 -10.50 -4.57 -10.46
C CYS A 747 -9.07 -5.00 -10.82
N PHE A 748 -8.07 -4.38 -10.17
CA PHE A 748 -6.68 -4.87 -10.14
C PHE A 748 -6.51 -5.97 -9.08
N GLU A 749 -7.14 -7.12 -9.32
CA GLU A 749 -7.27 -8.23 -8.37
C GLU A 749 -7.18 -9.56 -9.13
N LYS A 750 -6.72 -10.64 -8.50
CA LYS A 750 -6.54 -11.95 -9.15
C LYS A 750 -5.66 -11.84 -10.42
N ASP A 751 -4.58 -11.07 -10.28
CA ASP A 751 -3.48 -10.80 -11.23
C ASP A 751 -3.80 -10.13 -12.60
N LYS A 752 -5.02 -10.20 -13.15
CA LYS A 752 -5.43 -9.45 -14.38
C LYS A 752 -6.89 -8.98 -14.31
N TYR A 753 -7.26 -7.92 -15.03
CA TYR A 753 -8.47 -7.12 -14.75
C TYR A 753 -9.78 -7.92 -14.65
N ILE A 754 -10.59 -7.64 -13.61
CA ILE A 754 -11.98 -8.11 -13.43
C ILE A 754 -12.85 -6.90 -13.02
N LEU A 755 -14.01 -7.08 -12.37
CA LEU A 755 -15.06 -6.06 -12.35
C LEU A 755 -15.81 -5.87 -11.01
N GLN A 756 -16.07 -4.61 -10.64
CA GLN A 756 -16.96 -4.20 -9.56
C GLN A 756 -17.68 -2.89 -9.93
N GLY A 757 -18.97 -2.95 -10.26
CA GLY A 757 -19.75 -1.80 -10.74
C GLY A 757 -19.51 -1.44 -12.22
N VAL A 758 -19.96 -0.27 -12.65
CA VAL A 758 -19.52 0.36 -13.91
C VAL A 758 -18.97 1.74 -13.68
N THR A 759 -17.98 2.13 -14.48
CA THR A 759 -17.56 3.52 -14.56
C THR A 759 -18.78 4.38 -14.86
N SER A 760 -19.04 5.44 -14.08
CA SER A 760 -20.24 6.23 -14.31
C SER A 760 -20.03 7.24 -15.47
N TRP A 761 -20.68 8.39 -15.36
CA TRP A 761 -20.60 9.62 -16.14
C TRP A 761 -19.20 10.10 -16.58
N GLY A 762 -19.18 11.26 -17.25
CA GLY A 762 -17.98 12.08 -17.35
C GLY A 762 -18.18 13.32 -18.19
N LEU A 763 -17.73 14.49 -17.72
CA LEU A 763 -17.51 15.72 -18.50
C LEU A 763 -16.59 16.65 -17.69
N GLY A 764 -16.02 17.68 -18.33
CA GLY A 764 -15.12 18.65 -17.69
C GLY A 764 -13.75 18.07 -17.30
N CYS A 765 -12.78 18.16 -18.19
CA CYS A 765 -11.39 17.74 -17.95
C CYS A 765 -10.76 18.46 -16.76
N ALA A 766 -9.78 17.80 -16.14
CA ALA A 766 -8.71 18.40 -15.33
C ALA A 766 -9.08 19.21 -14.07
N ARG A 767 -10.35 19.26 -13.63
CA ARG A 767 -10.80 20.04 -12.45
C ARG A 767 -9.99 19.64 -11.22
N PRO A 768 -9.04 20.47 -10.73
CA PRO A 768 -7.95 19.95 -9.92
C PRO A 768 -8.41 19.26 -8.63
N ASN A 769 -7.97 18.02 -8.41
CA ASN A 769 -8.27 17.16 -7.24
C ASN A 769 -9.78 16.91 -6.95
N LYS A 770 -10.67 17.04 -7.97
CA LYS A 770 -12.12 16.79 -7.88
C LYS A 770 -12.61 15.71 -8.89
N PRO A 771 -12.37 14.42 -8.61
CA PRO A 771 -12.97 13.30 -9.33
C PRO A 771 -14.49 13.20 -9.12
N GLY A 772 -15.12 12.12 -9.58
CA GLY A 772 -16.57 11.91 -9.58
C GLY A 772 -16.97 10.43 -9.75
N VAL A 773 -18.25 10.19 -10.05
CA VAL A 773 -18.94 8.92 -9.78
C VAL A 773 -18.42 7.70 -10.56
N TYR A 774 -18.46 6.53 -9.91
CA TYR A 774 -18.60 5.22 -10.58
C TYR A 774 -19.75 4.46 -9.89
N VAL A 775 -20.46 3.56 -10.58
CA VAL A 775 -21.80 3.07 -10.17
C VAL A 775 -21.82 1.61 -9.68
N ARG A 776 -22.30 1.38 -8.46
CA ARG A 776 -22.32 0.03 -7.84
C ARG A 776 -23.50 -0.82 -8.33
N VAL A 777 -23.30 -2.13 -8.37
CA VAL A 777 -24.28 -3.12 -8.88
C VAL A 777 -25.24 -3.67 -7.80
N SER A 778 -24.76 -3.94 -6.58
CA SER A 778 -25.56 -4.60 -5.52
C SER A 778 -26.83 -3.83 -5.12
N ARG A 779 -26.77 -2.51 -5.17
CA ARG A 779 -27.87 -1.59 -4.79
C ARG A 779 -29.14 -1.74 -5.63
N PHE A 780 -29.03 -2.20 -6.88
CA PHE A 780 -30.14 -2.33 -7.85
C PHE A 780 -30.14 -3.69 -8.56
N VAL A 781 -29.64 -4.72 -7.87
CA VAL A 781 -29.21 -6.00 -8.46
C VAL A 781 -30.34 -6.78 -9.16
N THR A 782 -31.59 -6.69 -8.70
CA THR A 782 -32.77 -7.44 -9.22
C THR A 782 -33.06 -7.23 -10.71
N TRP A 783 -32.56 -6.13 -11.29
CA TRP A 783 -32.62 -5.82 -12.72
C TRP A 783 -31.22 -5.59 -13.28
N ILE A 784 -30.30 -4.96 -12.53
CA ILE A 784 -28.93 -4.68 -12.95
C ILE A 784 -28.12 -5.95 -13.19
N GLU A 785 -28.08 -6.87 -12.23
CA GLU A 785 -27.58 -8.23 -12.50
C GLU A 785 -28.74 -9.17 -12.94
N GLY A 786 -29.99 -8.71 -12.87
CA GLY A 786 -31.19 -9.49 -13.18
C GLY A 786 -31.44 -9.72 -14.67
N VAL A 787 -31.53 -8.65 -15.47
CA VAL A 787 -31.90 -8.76 -16.90
C VAL A 787 -30.85 -9.55 -17.68
N MET A 788 -29.60 -9.34 -17.34
CA MET A 788 -28.43 -10.03 -17.91
C MET A 788 -28.32 -11.51 -17.48
N ARG A 789 -29.36 -12.34 -17.63
CA ARG A 789 -29.32 -13.75 -17.17
C ARG A 789 -28.82 -14.76 -18.20
N ASN A 790 -29.41 -14.84 -19.39
CA ASN A 790 -28.96 -15.78 -20.45
C ASN A 790 -29.35 -15.32 -21.87
N ASN A 791 -29.35 -14.01 -22.09
CA ASN A 791 -29.89 -13.34 -23.29
C ASN A 791 -29.21 -13.82 -24.59
#